data_4NI3
#
_entry.id   4NI3
#
_cell.length_a   53.511
_cell.length_b   75.512
_cell.length_c   80.367
_cell.angle_alpha   105.61
_cell.angle_beta   107.19
_cell.angle_gamma   106.71
#
_symmetry.space_group_name_H-M   'P 1'
#
loop_
_entity.id
_entity.type
_entity.pdbx_description
1 polymer 'Alpha-fucosidase GH29'
2 branched alpha-D-mannopyranose-(1-2)-alpha-D-mannopyranose-(1-2)-alpha-D-mannopyranose-(1-3)-beta-D-mannopyranose-(1-4)-2-acetamido-2-deoxy-beta-D-glucopyranose-(1-4)-2-acetamido-2-deoxy-beta-D-glucopyranose
3 non-polymer 2-acetamido-2-deoxy-beta-D-glucopyranose
4 non-polymer GLYCEROL
5 non-polymer 2-AMINO-2-HYDROXYMETHYL-PROPANE-1,3-DIOL
6 non-polymer 'SODIUM ION'
7 water water
#
_entity_poly.entity_id   1
_entity_poly.type   'polypeptide(L)'
_entity_poly.pdbx_seq_one_letter_code
;AKADGPYEATWESTDKHNAAPEWYRDAKFGVYWHWGAFTTAQYASEWYPRNMYEPDSDQRKHHTETYGPPEEWGYENFIK
GAKDKKGNFVQFKPVLKSKGGEFDPEAIIKIVKGSGARFAGPVAEHHDGFSMWDSKVNEWNPVNYGPKLDLVKLWADLVR
ENDMKLVIAMHQAYNYNGFFQWAPKTNDTSLQKLLGQLPRDEEDQLWFDKHREMLDHVQPDIIWNDFSLDSPGECGSFEG
PCAVDEQKRLEFLAYYFNRGEEWGKEVVTTYKHHDHGFRNTSAVDDWERGGPSNLVRPYWQTDDAISASSWSYTVGIKYY
SSKAMVHSLLDRVSKNGNMLLNISPMANGVLPEEQIKVLNDIGDFLSRYGEAVYDTRAWDIYGEGPNQVEGGSFTAPLQG
NSSDIRFTRNKEDDVLYVTVLGWPEDNLVSVKNLGSNALVDLESLKSVELLGDKAGDYVKVSEWEQSKDALDITLPSQPA
ESLAYVLKLTFDGGIPVPQPERGAAVFSKADATGKGVALALGTFDTVFLTEAGLKPEEIRSIRVSDGTKATLFSGFRFTG
ESKELSAGEHEVEDGSVGSIVVSKI
;
_entity_poly.pdbx_strand_id   A,B
#
# COMPACT_ATOMS: atom_id res chain seq x y z
N GLY A 5 -8.28 38.02 7.21
CA GLY A 5 -8.77 37.75 5.88
C GLY A 5 -10.14 37.07 5.87
N PRO A 6 -10.62 36.73 4.66
CA PRO A 6 -11.97 36.19 4.45
C PRO A 6 -12.15 34.72 4.82
N TYR A 7 -11.08 33.95 4.92
CA TYR A 7 -11.21 32.53 5.25
C TYR A 7 -11.36 32.28 6.73
N GLU A 8 -12.27 31.37 7.05
CA GLU A 8 -12.43 30.85 8.41
C GLU A 8 -11.90 29.43 8.47
N ALA A 9 -11.63 28.95 9.68
CA ALA A 9 -11.12 27.61 9.90
C ALA A 9 -12.25 26.58 9.84
N THR A 10 -12.85 26.45 8.66
CA THR A 10 -13.88 25.46 8.39
C THR A 10 -13.64 24.84 7.02
N TRP A 11 -14.14 23.62 6.81
CA TRP A 11 -13.99 22.99 5.50
C TRP A 11 -14.70 23.80 4.43
N GLU A 12 -15.90 24.26 4.76
CA GLU A 12 -16.74 24.96 3.83
C GLU A 12 -16.09 26.27 3.39
N SER A 13 -15.45 26.97 4.31
CA SER A 13 -14.79 28.23 3.96
C SER A 13 -13.53 28.01 3.13
N THR A 14 -12.69 27.08 3.60
CA THR A 14 -11.40 26.86 2.94
C THR A 14 -11.57 26.14 1.60
N ASP A 15 -12.69 25.43 1.41
CA ASP A 15 -12.99 24.79 0.11
C ASP A 15 -12.99 25.79 -1.03
N LYS A 16 -13.32 27.04 -0.73
CA LYS A 16 -13.46 28.05 -1.77
C LYS A 16 -12.11 28.52 -2.33
N HIS A 17 -11.02 28.14 -1.68
CA HIS A 17 -9.70 28.44 -2.20
C HIS A 17 -9.45 27.69 -3.50
N ASN A 18 -8.87 28.38 -4.48
CA ASN A 18 -8.56 27.76 -5.78
C ASN A 18 -7.33 26.87 -5.64
N ALA A 19 -7.50 25.55 -5.75
CA ALA A 19 -6.43 24.64 -5.36
C ALA A 19 -5.18 24.78 -6.21
N ALA A 20 -5.38 24.86 -7.52
CA ALA A 20 -4.28 24.81 -8.49
C ALA A 20 -4.40 26.00 -9.43
N PRO A 21 -3.77 27.12 -9.09
CA PRO A 21 -3.88 28.34 -9.91
C PRO A 21 -3.16 28.17 -11.24
N GLU A 22 -3.42 29.07 -12.18
CA GLU A 22 -2.90 28.84 -13.53
C GLU A 22 -1.37 28.86 -13.59
N TRP A 23 -0.71 29.69 -12.80
CA TRP A 23 0.75 29.71 -12.85
C TRP A 23 1.32 28.35 -12.46
N TYR A 24 0.63 27.67 -11.53
CA TYR A 24 1.09 26.40 -11.01
C TYR A 24 0.87 25.31 -12.07
N ARG A 25 -0.29 25.33 -12.72
CA ARG A 25 -0.52 24.41 -13.83
C ARG A 25 0.44 24.67 -14.98
N ASP A 26 0.88 25.89 -15.16
CA ASP A 26 1.82 26.22 -16.23
C ASP A 26 3.25 25.73 -15.94
N ALA A 27 3.55 25.60 -14.64
CA ALA A 27 4.93 25.43 -14.22
C ALA A 27 5.57 24.09 -14.53
N LYS A 28 4.79 23.02 -14.32
CA LYS A 28 5.11 21.63 -14.69
C LYS A 28 6.22 20.95 -13.89
N PHE A 29 7.36 21.63 -13.69
CA PHE A 29 8.54 21.01 -13.11
C PHE A 29 9.10 21.87 -12.01
N GLY A 30 9.36 21.26 -10.86
CA GLY A 30 9.99 21.93 -9.73
C GLY A 30 11.00 21.01 -9.07
N VAL A 31 11.82 21.56 -8.18
CA VAL A 31 12.87 20.82 -7.52
C VAL A 31 12.90 21.18 -6.05
N TYR A 32 12.99 20.19 -5.16
CA TYR A 32 13.23 20.44 -3.76
C TYR A 32 14.30 19.52 -3.26
N TRP A 33 14.66 19.66 -1.98
CA TRP A 33 15.78 18.86 -1.46
C TRP A 33 15.62 18.50 0.00
N HIS A 34 15.77 17.21 0.26
CA HIS A 34 15.86 16.70 1.62
C HIS A 34 17.30 16.83 2.11
N TRP A 35 17.60 17.94 2.76
CA TRP A 35 18.93 18.18 3.32
C TRP A 35 18.77 18.72 4.71
N GLY A 36 19.36 18.07 5.70
CA GLY A 36 19.20 18.49 7.08
C GLY A 36 20.04 17.69 8.02
N ALA A 37 19.72 17.77 9.31
CA ALA A 37 20.47 17.02 10.30
C ALA A 37 20.29 15.50 10.09
N PHE A 38 19.22 15.11 9.41
CA PHE A 38 18.99 13.68 9.13
C PHE A 38 20.00 13.18 8.09
N THR A 39 20.66 14.10 7.37
CA THR A 39 21.66 13.72 6.39
C THR A 39 23.02 13.45 7.04
N THR A 40 23.18 13.89 8.28
CA THR A 40 24.51 13.88 8.90
C THR A 40 25.16 12.49 8.88
N ALA A 41 24.39 11.46 9.22
CA ALA A 41 24.94 10.09 9.22
C ALA A 41 25.24 9.57 7.82
N GLN A 42 24.62 10.16 6.79
CA GLN A 42 24.78 9.69 5.41
C GLN A 42 24.65 8.15 5.29
N TYR A 43 23.61 7.65 5.94
CA TYR A 43 23.41 6.21 6.03
C TYR A 43 21.95 5.86 5.93
N ALA A 44 21.67 4.83 5.11
CA ALA A 44 20.36 4.21 4.91
C ALA A 44 19.36 5.12 4.20
N SER A 45 18.83 6.13 4.89
CA SER A 45 17.89 7.07 4.28
C SER A 45 17.66 8.22 5.21
N GLU A 46 16.76 9.11 4.80
CA GLU A 46 16.32 10.20 5.65
C GLU A 46 15.54 9.72 6.89
N TRP A 47 15.15 8.44 6.93
CA TRP A 47 14.57 7.87 8.14
C TRP A 47 15.62 7.43 9.17
N TYR A 48 16.90 7.68 8.92
CA TYR A 48 17.90 7.30 9.91
C TYR A 48 17.60 7.78 11.34
N PRO A 49 17.10 9.02 11.55
CA PRO A 49 16.83 9.41 12.96
C PRO A 49 15.85 8.48 13.67
N ARG A 50 14.92 7.90 12.91
CA ARG A 50 13.96 6.95 13.43
C ARG A 50 14.59 5.58 13.61
N ASN A 51 15.25 5.10 12.58
CA ASN A 51 15.69 3.71 12.60
C ASN A 51 16.96 3.45 13.41
N MET A 52 17.72 4.49 13.72
CA MET A 52 18.90 4.30 14.56
C MET A 52 18.52 3.75 15.94
N TYR A 53 17.27 3.97 16.35
CA TYR A 53 16.76 3.51 17.64
C TYR A 53 16.03 2.16 17.55
N GLU A 54 15.69 1.75 16.33
CA GLU A 54 14.89 0.54 16.16
C GLU A 54 15.59 -0.72 16.66
N PRO A 55 14.88 -1.53 17.47
CA PRO A 55 15.44 -2.82 17.92
C PRO A 55 15.92 -3.68 16.77
N ASP A 56 17.17 -4.16 16.86
CA ASP A 56 17.69 -5.14 15.93
C ASP A 56 17.74 -4.65 14.48
N SER A 57 17.84 -3.34 14.27
CA SER A 57 17.90 -2.84 12.90
C SER A 57 19.32 -2.67 12.43
N ASP A 58 19.50 -2.66 11.11
CA ASP A 58 20.80 -2.39 10.56
C ASP A 58 21.26 -0.98 10.93
N GLN A 59 20.32 -0.04 10.93
CA GLN A 59 20.66 1.34 11.28
C GLN A 59 21.14 1.43 12.72
N ARG A 60 20.49 0.71 13.63
CA ARG A 60 20.91 0.68 15.03
C ARG A 60 22.30 0.07 15.13
N LYS A 61 22.54 -1.01 14.38
CA LYS A 61 23.85 -1.63 14.38
C LYS A 61 24.92 -0.65 13.92
N HIS A 62 24.67 -0.02 12.77
CA HIS A 62 25.59 0.97 12.27
C HIS A 62 25.83 2.09 13.29
N HIS A 63 24.75 2.57 13.89
CA HIS A 63 24.86 3.66 14.84
C HIS A 63 25.72 3.28 16.02
N THR A 64 25.43 2.09 16.56
CA THR A 64 26.15 1.57 17.71
C THR A 64 27.64 1.35 17.41
N GLU A 65 27.94 0.87 16.21
CA GLU A 65 29.33 0.66 15.82
C GLU A 65 30.09 1.96 15.54
N THR A 66 29.37 2.98 15.09
CA THR A 66 30.02 4.20 14.62
C THR A 66 30.06 5.31 15.68
N TYR A 67 28.96 5.46 16.41
CA TYR A 67 28.81 6.58 17.35
C TYR A 67 28.74 6.09 18.80
N GLY A 68 27.85 5.14 19.03
CA GLY A 68 27.63 4.61 20.36
C GLY A 68 26.22 4.08 20.43
N PRO A 69 25.88 3.38 21.51
CA PRO A 69 24.50 2.92 21.64
C PRO A 69 23.56 4.13 21.60
N PRO A 70 22.45 4.01 20.86
CA PRO A 70 21.57 5.17 20.68
C PRO A 70 20.98 5.68 21.99
N GLU A 71 20.98 4.83 23.01
CA GLU A 71 20.51 5.23 24.33
C GLU A 71 21.46 6.21 25.01
N GLU A 72 22.73 6.18 24.60
CA GLU A 72 23.73 7.12 25.08
C GLU A 72 24.07 8.24 24.07
N TRP A 73 24.13 7.90 22.79
CA TRP A 73 24.48 8.82 21.71
C TRP A 73 23.22 9.00 20.89
N GLY A 74 22.32 9.83 21.39
CA GLY A 74 21.01 10.00 20.80
C GLY A 74 21.04 10.86 19.55
N TYR A 75 19.91 10.89 18.84
CA TYR A 75 19.81 11.66 17.60
C TYR A 75 20.19 13.13 17.81
N GLU A 76 19.85 13.67 18.97
CA GLU A 76 20.10 15.07 19.26
C GLU A 76 21.59 15.41 19.15
N ASN A 77 22.47 14.44 19.35
CA ASN A 77 23.91 14.67 19.19
C ASN A 77 24.33 15.09 17.78
N PHE A 78 23.59 14.66 16.75
CA PHE A 78 23.90 15.17 15.39
C PHE A 78 23.68 16.67 15.28
N ILE A 79 22.70 17.19 16.03
CA ILE A 79 22.37 18.60 16.02
C ILE A 79 23.32 19.38 16.91
N LYS A 80 23.55 18.87 18.13
CA LYS A 80 24.36 19.61 19.11
C LYS A 80 25.85 19.36 18.99
N GLY A 81 26.21 18.27 18.32
CA GLY A 81 27.61 17.92 18.11
C GLY A 81 28.14 16.99 19.17
N ALA A 82 28.86 15.95 18.73
CA ALA A 82 29.47 15.00 19.66
C ALA A 82 30.55 14.20 18.95
N LYS A 83 31.46 13.62 19.70
CA LYS A 83 32.51 12.84 19.07
C LYS A 83 32.00 11.44 18.80
N ASP A 84 32.43 10.86 17.69
CA ASP A 84 32.08 9.48 17.41
C ASP A 84 33.05 8.54 18.12
N LYS A 85 32.94 7.24 17.86
CA LYS A 85 33.74 6.26 18.61
C LYS A 85 35.23 6.32 18.28
N LYS A 86 35.56 6.86 17.12
CA LYS A 86 36.94 7.05 16.74
C LYS A 86 37.46 8.44 17.08
N GLY A 87 36.68 9.22 17.84
CA GLY A 87 37.12 10.55 18.30
C GLY A 87 36.90 11.72 17.37
N ASN A 88 36.25 11.49 16.23
CA ASN A 88 35.94 12.54 15.27
C ASN A 88 34.72 13.33 15.71
N PHE A 89 34.80 14.66 15.65
CA PHE A 89 33.65 15.49 16.02
C PHE A 89 32.61 15.42 14.89
N VAL A 90 31.37 15.11 15.26
CA VAL A 90 30.28 14.93 14.30
C VAL A 90 29.19 15.93 14.59
N GLN A 91 28.73 16.64 13.56
CA GLN A 91 27.66 17.61 13.73
C GLN A 91 27.15 18.01 12.36
N PHE A 92 25.86 18.27 12.26
CA PHE A 92 25.33 18.94 11.07
C PHE A 92 25.82 20.39 11.15
N LYS A 93 26.78 20.74 10.30
CA LYS A 93 27.42 22.06 10.42
C LYS A 93 28.00 22.46 9.07
N PRO A 94 27.13 22.68 8.08
CA PRO A 94 27.65 23.16 6.80
C PRO A 94 28.30 24.53 6.96
N VAL A 95 29.36 24.76 6.19
CA VAL A 95 30.10 26.01 6.24
C VAL A 95 30.08 26.63 4.86
N LEU A 96 29.69 27.90 4.80
CA LEU A 96 29.58 28.58 3.50
C LEU A 96 30.89 28.62 2.74
N LYS A 97 30.81 28.48 1.42
CA LYS A 97 31.98 28.64 0.56
C LYS A 97 32.64 30.00 0.79
N SER A 98 31.84 31.03 1.01
CA SER A 98 32.40 32.37 1.26
C SER A 98 33.18 32.45 2.57
N LYS A 99 33.07 31.42 3.40
CA LYS A 99 33.77 31.34 4.68
C LYS A 99 34.83 30.25 4.65
N GLY A 100 35.13 29.73 3.47
CA GLY A 100 36.14 28.70 3.35
C GLY A 100 35.62 27.27 3.39
N GLY A 101 34.30 27.10 3.45
CA GLY A 101 33.72 25.76 3.47
C GLY A 101 33.30 25.27 2.09
N GLU A 102 32.43 24.25 2.09
CA GLU A 102 32.02 23.57 0.86
C GLU A 102 30.56 23.81 0.51
N PHE A 103 29.82 24.47 1.38
CA PHE A 103 28.40 24.73 1.15
C PHE A 103 28.20 26.00 0.31
N ASP A 104 27.72 25.82 -0.93
CA ASP A 104 27.54 26.90 -1.88
C ASP A 104 26.07 26.93 -2.31
N PRO A 105 25.20 27.53 -1.50
CA PRO A 105 23.78 27.49 -1.85
C PRO A 105 23.48 28.26 -3.13
N GLU A 106 24.21 29.34 -3.38
CA GLU A 106 23.95 30.06 -4.63
C GLU A 106 24.24 29.19 -5.84
N ALA A 107 25.35 28.45 -5.83
CA ALA A 107 25.64 27.58 -6.96
C ALA A 107 24.55 26.51 -7.13
N ILE A 108 24.05 25.95 -6.03
CA ILE A 108 23.01 24.93 -6.12
C ILE A 108 21.74 25.54 -6.73
N ILE A 109 21.39 26.75 -6.32
CA ILE A 109 20.20 27.36 -6.88
C ILE A 109 20.39 27.71 -8.36
N LYS A 110 21.59 28.09 -8.78
CA LYS A 110 21.82 28.26 -10.22
C LYS A 110 21.70 26.96 -11.01
N ILE A 111 22.12 25.84 -10.41
CA ILE A 111 21.98 24.56 -11.05
C ILE A 111 20.49 24.21 -11.16
N VAL A 112 19.76 24.44 -10.08
CA VAL A 112 18.32 24.21 -10.10
C VAL A 112 17.61 25.08 -11.15
N LYS A 113 17.98 26.36 -11.21
N LYS A 113 17.97 26.36 -11.22
CA LYS A 113 17.43 27.25 -12.23
CA LYS A 113 17.36 27.21 -12.26
C LYS A 113 17.71 26.70 -13.63
C LYS A 113 17.70 26.67 -13.65
N GLY A 114 18.94 26.24 -13.84
CA GLY A 114 19.36 25.70 -15.13
C GLY A 114 18.66 24.41 -15.51
N SER A 115 18.12 23.70 -14.51
CA SER A 115 17.38 22.44 -14.79
C SER A 115 16.02 22.69 -15.41
N GLY A 116 15.54 23.94 -15.40
CA GLY A 116 14.23 24.25 -15.91
C GLY A 116 13.14 24.30 -14.86
N ALA A 117 13.51 24.17 -13.59
CA ALA A 117 12.55 24.24 -12.50
C ALA A 117 11.87 25.60 -12.48
N ARG A 118 10.57 25.61 -12.32
CA ARG A 118 9.86 26.88 -12.19
CA ARG A 118 9.78 26.83 -12.22
C ARG A 118 9.39 27.12 -10.78
N PHE A 119 9.52 26.11 -9.91
CA PHE A 119 9.38 26.30 -8.47
C PHE A 119 10.47 25.48 -7.80
N ALA A 120 10.93 25.95 -6.64
CA ALA A 120 12.04 25.28 -5.98
C ALA A 120 12.09 25.65 -4.52
N GLY A 121 12.74 24.83 -3.71
CA GLY A 121 12.94 25.20 -2.32
C GLY A 121 13.30 24.02 -1.48
N PRO A 122 13.57 24.27 -0.20
CA PRO A 122 14.02 23.24 0.73
C PRO A 122 12.90 22.47 1.41
N VAL A 123 13.23 21.27 1.87
CA VAL A 123 12.57 20.76 3.05
C VAL A 123 12.93 21.71 4.19
N ALA A 124 11.92 22.33 4.79
CA ALA A 124 12.16 23.26 5.92
C ALA A 124 12.15 22.53 7.24
N GLU A 125 11.38 21.45 7.32
CA GLU A 125 11.38 20.60 8.53
C GLU A 125 10.90 19.24 8.10
N HIS A 126 11.67 18.21 8.40
CA HIS A 126 11.28 16.85 8.06
C HIS A 126 10.55 16.24 9.25
N HIS A 127 10.71 14.94 9.52
CA HIS A 127 10.02 14.29 10.63
C HIS A 127 10.82 14.37 11.93
N ASP A 128 12.05 14.86 11.83
CA ASP A 128 13.05 14.73 12.88
C ASP A 128 13.08 15.87 13.89
N GLY A 129 12.09 16.76 13.87
CA GLY A 129 11.96 17.76 14.92
C GLY A 129 12.82 19.01 14.78
N PHE A 130 13.58 19.12 13.68
CA PHE A 130 14.58 20.18 13.48
C PHE A 130 14.03 21.16 12.46
N SER A 131 13.61 22.33 12.94
CA SER A 131 13.13 23.40 12.06
C SER A 131 14.31 24.12 11.45
N MET A 132 14.40 24.27 10.14
CA MET A 132 15.62 24.82 9.55
C MET A 132 15.54 26.31 9.21
N TRP A 133 14.57 27.01 9.79
CA TRP A 133 14.57 28.49 9.80
C TRP A 133 14.89 28.99 11.21
N ASP A 134 15.06 30.32 11.36
CA ASP A 134 15.28 30.94 12.66
C ASP A 134 13.96 30.90 13.41
N SER A 135 13.77 29.87 14.23
CA SER A 135 12.48 29.62 14.85
C SER A 135 12.46 30.03 16.32
N LYS A 136 11.41 30.76 16.71
CA LYS A 136 11.15 31.03 18.12
C LYS A 136 10.33 29.92 18.76
N VAL A 137 9.46 29.29 18.00
CA VAL A 137 8.62 28.25 18.60
C VAL A 137 9.36 26.93 18.74
N ASN A 138 10.46 26.76 18.02
CA ASN A 138 11.24 25.55 18.13
C ASN A 138 12.74 25.87 18.19
N GLU A 139 13.32 25.69 19.37
CA GLU A 139 14.73 25.95 19.57
C GLU A 139 15.66 25.01 18.84
N TRP A 140 15.11 23.87 18.39
CA TRP A 140 15.91 22.93 17.62
C TRP A 140 16.00 23.42 16.19
N ASN A 141 17.00 24.27 15.92
CA ASN A 141 17.09 24.91 14.63
C ASN A 141 18.55 25.24 14.35
N PRO A 142 18.91 25.50 13.09
CA PRO A 142 20.32 25.64 12.72
C PRO A 142 20.87 27.05 12.96
N VAL A 143 20.07 27.94 13.52
CA VAL A 143 20.60 29.24 13.98
C VAL A 143 21.12 29.07 15.40
N ASN A 144 20.38 28.35 16.24
CA ASN A 144 20.85 28.06 17.59
C ASN A 144 22.00 27.06 17.64
N TYR A 145 21.98 26.06 16.76
CA TYR A 145 22.92 24.97 16.79
C TYR A 145 23.61 24.82 15.45
N GLY A 146 24.79 24.22 15.45
CA GLY A 146 25.36 23.75 14.20
C GLY A 146 25.93 24.90 13.39
N PRO A 147 25.40 25.11 12.18
CA PRO A 147 26.02 26.08 11.26
C PRO A 147 25.73 27.54 11.63
N LYS A 148 24.80 27.81 12.54
CA LYS A 148 24.42 29.19 12.92
C LYS A 148 23.95 29.97 11.69
N LEU A 149 23.19 29.28 10.85
CA LEU A 149 22.65 29.84 9.60
C LEU A 149 21.16 29.56 9.56
N ASP A 150 20.40 30.57 9.12
CA ASP A 150 18.99 30.37 8.80
C ASP A 150 18.91 29.77 7.40
N LEU A 151 18.98 28.44 7.32
CA LEU A 151 19.12 27.81 6.03
C LEU A 151 17.91 28.04 5.15
N VAL A 152 16.72 28.01 5.74
CA VAL A 152 15.50 28.18 4.97
C VAL A 152 15.39 29.60 4.41
N LYS A 153 15.78 30.62 5.18
N LYS A 153 15.78 30.62 5.19
CA LYS A 153 15.77 31.98 4.63
CA LYS A 153 15.81 32.00 4.69
C LYS A 153 16.82 32.16 3.54
C LYS A 153 16.82 32.16 3.55
N LEU A 154 18.01 31.60 3.75
CA LEU A 154 19.06 31.62 2.72
C LEU A 154 18.55 31.03 1.39
N TRP A 155 17.96 29.84 1.47
CA TRP A 155 17.42 29.24 0.26
C TRP A 155 16.33 30.09 -0.36
N ALA A 156 15.40 30.54 0.48
CA ALA A 156 14.26 31.29 -0.03
C ALA A 156 14.69 32.54 -0.77
N ASP A 157 15.62 33.28 -0.17
CA ASP A 157 16.08 34.52 -0.77
C ASP A 157 16.75 34.22 -2.09
N LEU A 158 17.54 33.15 -2.16
CA LEU A 158 18.17 32.79 -3.43
C LEU A 158 17.20 32.32 -4.49
N VAL A 159 16.17 31.58 -4.11
CA VAL A 159 15.16 31.17 -5.08
C VAL A 159 14.47 32.41 -5.68
N ARG A 160 14.14 33.40 -4.84
N ARG A 160 14.16 33.40 -4.85
CA ARG A 160 13.51 34.61 -5.35
CA ARG A 160 13.54 34.62 -5.35
C ARG A 160 14.47 35.40 -6.24
C ARG A 160 14.48 35.41 -6.25
N GLU A 161 15.75 35.46 -5.87
CA GLU A 161 16.76 36.18 -6.68
C GLU A 161 16.84 35.59 -8.08
N ASN A 162 16.56 34.30 -8.18
CA ASN A 162 16.68 33.61 -9.45
C ASN A 162 15.33 33.35 -10.13
N ASP A 163 14.33 34.11 -9.72
N ASP A 163 14.32 34.15 -9.80
CA ASP A 163 13.03 34.20 -10.42
CA ASP A 163 13.05 34.14 -10.53
C ASP A 163 12.30 32.86 -10.56
C ASP A 163 12.45 32.73 -10.62
N MET A 164 12.32 32.08 -9.48
CA MET A 164 11.51 30.88 -9.38
C MET A 164 10.51 31.09 -8.25
N LYS A 165 9.36 30.41 -8.35
CA LYS A 165 8.40 30.37 -7.26
C LYS A 165 8.99 29.52 -6.14
N LEU A 166 8.58 29.78 -4.90
CA LEU A 166 9.17 29.12 -3.73
C LEU A 166 8.25 28.05 -3.21
N VAL A 167 8.76 26.81 -3.17
CA VAL A 167 8.06 25.74 -2.47
C VAL A 167 8.82 25.46 -1.16
N ILE A 168 8.05 25.23 -0.10
CA ILE A 168 8.61 24.78 1.17
C ILE A 168 7.97 23.45 1.53
N ALA A 169 8.78 22.44 1.82
CA ALA A 169 8.25 21.16 2.25
C ALA A 169 8.31 20.99 3.77
N MET A 170 7.16 20.58 4.31
CA MET A 170 6.97 20.39 5.75
C MET A 170 6.51 18.97 6.05
N HIS A 171 7.17 18.30 7.00
CA HIS A 171 6.86 16.89 7.28
C HIS A 171 6.72 16.71 8.80
N GLN A 172 6.25 17.76 9.48
CA GLN A 172 6.40 17.77 10.94
C GLN A 172 5.23 17.07 11.67
N ALA A 173 4.29 16.49 10.93
CA ALA A 173 3.21 15.72 11.60
C ALA A 173 3.66 14.36 12.11
N TYR A 174 4.45 13.62 11.34
CA TYR A 174 4.84 12.27 11.77
C TYR A 174 5.81 12.32 12.96
N ASN A 175 6.46 13.47 13.14
CA ASN A 175 7.31 13.68 14.30
C ASN A 175 6.71 13.20 15.63
N TYR A 176 5.42 13.46 15.82
CA TYR A 176 4.79 13.08 17.09
C TYR A 176 3.74 12.02 16.90
N ASN A 177 3.71 11.45 15.71
CA ASN A 177 2.79 10.35 15.40
C ASN A 177 3.50 9.04 15.17
N GLY A 178 4.71 8.92 15.66
CA GLY A 178 5.39 7.65 15.70
C GLY A 178 6.81 7.62 15.16
N PHE A 179 7.25 8.67 14.46
CA PHE A 179 8.57 8.62 13.88
C PHE A 179 9.63 8.22 14.89
N PHE A 180 9.58 8.86 16.07
CA PHE A 180 10.59 8.64 17.11
C PHE A 180 10.10 7.64 18.16
N GLN A 181 9.28 6.68 17.75
CA GLN A 181 8.66 5.77 18.71
C GLN A 181 9.67 4.94 19.48
N TRP A 182 10.84 4.73 18.92
CA TRP A 182 11.84 3.88 19.59
C TRP A 182 12.88 4.67 20.39
N ALA A 183 12.76 6.00 20.39
CA ALA A 183 13.66 6.82 21.19
C ALA A 183 13.33 6.66 22.66
N PRO A 184 14.36 6.72 23.52
CA PRO A 184 14.06 6.68 24.96
C PRO A 184 13.13 7.81 25.38
N LYS A 185 12.29 7.51 26.37
CA LYS A 185 11.50 8.55 26.98
C LYS A 185 12.43 9.52 27.69
N THR A 186 12.10 10.81 27.64
CA THR A 186 12.88 11.81 28.32
C THR A 186 11.97 12.76 29.07
N ASN A 187 12.45 13.24 30.21
CA ASN A 187 11.77 14.26 30.97
C ASN A 187 12.30 15.66 30.71
N ASP A 188 13.33 15.76 29.88
CA ASP A 188 13.88 17.03 29.41
C ASP A 188 12.86 17.62 28.44
N THR A 189 12.16 18.68 28.82
CA THR A 189 11.04 19.14 28.00
C THR A 189 11.54 19.71 26.66
N SER A 190 12.75 20.25 26.60
CA SER A 190 13.29 20.67 25.31
C SER A 190 13.47 19.45 24.40
N LEU A 191 14.12 18.43 24.93
CA LEU A 191 14.33 17.22 24.15
C LEU A 191 13.00 16.55 23.79
N GLN A 192 11.99 16.65 24.64
CA GLN A 192 10.67 16.16 24.29
C GLN A 192 10.15 16.83 23.01
N LYS A 193 10.43 18.11 22.84
CA LYS A 193 9.96 18.81 21.66
C LYS A 193 10.62 18.27 20.41
N LEU A 194 11.91 18.00 20.46
CA LEU A 194 12.60 17.39 19.32
C LEU A 194 12.02 16.04 18.98
N LEU A 195 11.82 15.22 20.02
CA LEU A 195 11.46 13.81 19.83
C LEU A 195 9.94 13.52 19.81
N GLY A 196 9.13 14.55 19.76
CA GLY A 196 7.69 14.39 19.64
C GLY A 196 7.06 13.76 20.85
N GLN A 197 7.57 14.09 22.04
CA GLN A 197 7.07 13.50 23.29
C GLN A 197 6.29 14.49 24.16
N LEU A 198 5.96 15.67 23.66
CA LEU A 198 5.13 16.62 24.38
C LEU A 198 3.71 16.10 24.44
N PRO A 199 2.88 16.65 25.33
CA PRO A 199 1.45 16.29 25.29
C PRO A 199 0.85 16.54 23.90
N ARG A 200 -0.04 15.66 23.47
CA ARG A 200 -0.55 15.75 22.09
C ARG A 200 -1.21 17.10 21.77
N ASP A 201 -1.91 17.73 22.71
CA ASP A 201 -2.50 19.03 22.38
C ASP A 201 -1.40 20.07 22.12
N GLU A 202 -0.30 19.97 22.84
CA GLU A 202 0.83 20.88 22.63
C GLU A 202 1.48 20.59 21.29
N GLU A 203 1.54 19.31 20.92
CA GLU A 203 2.13 18.94 19.64
C GLU A 203 1.26 19.43 18.48
N ASP A 204 -0.04 19.31 18.63
CA ASP A 204 -0.95 19.80 17.59
C ASP A 204 -0.83 21.31 17.41
N GLN A 205 -0.73 22.04 18.51
CA GLN A 205 -0.54 23.47 18.46
C GLN A 205 0.81 23.81 17.82
N LEU A 206 1.84 23.05 18.16
CA LEU A 206 3.18 23.25 17.61
C LEU A 206 3.21 22.98 16.10
N TRP A 207 2.45 22.01 15.64
CA TRP A 207 2.35 21.76 14.20
C TRP A 207 1.89 23.02 13.48
N PHE A 208 0.82 23.62 13.98
CA PHE A 208 0.32 24.85 13.39
C PHE A 208 1.32 25.99 13.57
N ASP A 209 1.88 26.13 14.77
CA ASP A 209 2.76 27.25 15.05
C ASP A 209 3.98 27.22 14.15
N LYS A 210 4.49 26.02 13.87
CA LYS A 210 5.64 25.87 12.95
C LYS A 210 5.28 26.34 11.55
N HIS A 211 4.15 25.88 11.01
CA HIS A 211 3.65 26.38 9.72
C HIS A 211 3.52 27.90 9.70
N ARG A 212 2.87 28.44 10.73
CA ARG A 212 2.59 29.87 10.77
C ARG A 212 3.86 30.69 10.75
N GLU A 213 4.80 30.30 11.60
CA GLU A 213 6.05 31.01 11.70
C GLU A 213 6.86 30.93 10.41
N MET A 214 6.98 29.72 9.90
CA MET A 214 7.68 29.52 8.63
C MET A 214 7.05 30.34 7.50
N LEU A 215 5.73 30.33 7.38
CA LEU A 215 5.15 30.91 6.16
C LEU A 215 5.15 32.44 6.24
N ASP A 216 5.06 33.00 7.44
CA ASP A 216 5.23 34.43 7.59
C ASP A 216 6.69 34.85 7.38
N HIS A 217 7.61 33.93 7.64
CA HIS A 217 9.05 34.19 7.51
C HIS A 217 9.50 34.27 6.06
N VAL A 218 8.99 33.37 5.21
CA VAL A 218 9.48 33.30 3.83
C VAL A 218 8.40 33.40 2.76
N GLN A 219 7.13 33.54 3.15
CA GLN A 219 6.03 33.75 2.20
C GLN A 219 6.04 32.77 1.02
N PRO A 220 5.97 31.46 1.32
CA PRO A 220 6.07 30.46 0.24
C PRO A 220 4.88 30.53 -0.71
N ASP A 221 5.16 30.23 -1.98
CA ASP A 221 4.12 30.11 -3.00
C ASP A 221 3.42 28.76 -2.93
N ILE A 222 4.14 27.74 -2.49
CA ILE A 222 3.59 26.39 -2.28
C ILE A 222 4.07 25.91 -0.91
N ILE A 223 3.14 25.39 -0.10
CA ILE A 223 3.53 24.65 1.09
C ILE A 223 3.16 23.19 0.86
N TRP A 224 4.20 22.37 0.75
CA TRP A 224 4.08 20.93 0.55
C TRP A 224 4.01 20.26 1.91
N ASN A 225 3.06 19.32 2.08
CA ASN A 225 2.93 18.56 3.34
C ASN A 225 3.08 17.07 3.18
N ASP A 226 3.75 16.45 4.13
CA ASP A 226 3.82 15.00 4.16
C ASP A 226 2.60 14.42 4.88
N PHE A 227 2.59 13.09 4.95
CA PHE A 227 1.48 12.31 5.51
C PHE A 227 1.34 12.51 7.03
N SER A 228 0.43 11.75 7.60
CA SER A 228 0.05 11.83 9.03
C SER A 228 -0.70 13.11 9.35
N LEU A 229 -1.34 13.71 8.35
CA LEU A 229 -2.30 14.77 8.59
C LEU A 229 -3.61 14.15 9.06
N ASP A 230 -4.05 13.12 8.34
CA ASP A 230 -5.10 12.23 8.82
C ASP A 230 -5.01 10.97 7.99
N SER A 231 -4.06 10.13 8.36
N SER A 231 -4.05 10.13 8.33
CA SER A 231 -3.80 8.89 7.64
CA SER A 231 -3.86 8.88 7.60
C SER A 231 -3.75 7.70 8.58
C SER A 231 -3.77 7.70 8.55
N PRO A 232 -4.89 7.36 9.17
CA PRO A 232 -4.95 6.22 10.10
C PRO A 232 -4.45 4.96 9.40
N GLY A 233 -3.61 4.23 10.13
CA GLY A 233 -3.06 3.01 9.60
C GLY A 233 -1.71 3.13 8.93
N GLU A 234 -1.24 4.37 8.75
CA GLU A 234 0.01 4.57 8.04
C GLU A 234 1.22 4.80 8.95
N CYS A 235 1.01 4.74 10.26
CA CYS A 235 2.08 5.06 11.21
C CYS A 235 2.63 3.81 11.91
N GLY A 236 2.61 2.68 11.21
CA GLY A 236 3.21 1.46 11.73
C GLY A 236 2.63 1.00 13.05
N SER A 237 3.50 0.59 13.95
CA SER A 237 3.09 -0.03 15.21
C SER A 237 2.85 1.00 16.32
N PHE A 238 3.10 2.26 16.04
CA PHE A 238 2.88 3.28 17.06
C PHE A 238 1.41 3.38 17.37
N GLU A 239 1.08 3.41 18.66
CA GLU A 239 -0.33 3.54 19.05
C GLU A 239 -0.74 5.01 19.00
N GLY A 240 -1.51 5.39 17.99
CA GLY A 240 -1.89 6.77 17.79
C GLY A 240 -2.71 6.92 16.52
N PRO A 241 -3.29 8.11 16.31
CA PRO A 241 -4.24 8.38 15.24
C PRO A 241 -3.57 8.61 13.89
N CYS A 242 -2.24 8.78 13.87
CA CYS A 242 -1.55 9.09 12.62
C CYS A 242 -2.20 10.31 11.98
N ALA A 243 -2.34 11.38 12.77
CA ALA A 243 -3.13 12.53 12.39
C ALA A 243 -2.73 13.75 13.19
N VAL A 244 -3.09 14.89 12.65
CA VAL A 244 -3.04 16.21 13.30
C VAL A 244 -4.46 16.58 13.66
N ASP A 245 -4.67 17.18 14.83
CA ASP A 245 -5.98 17.69 15.19
C ASP A 245 -6.65 18.44 14.04
N GLU A 246 -7.90 18.09 13.78
CA GLU A 246 -8.64 18.66 12.66
C GLU A 246 -8.74 20.20 12.75
N GLN A 247 -8.98 20.72 13.93
CA GLN A 247 -9.07 22.16 14.09
C GLN A 247 -7.76 22.85 13.70
N LYS A 248 -6.63 22.25 14.09
CA LYS A 248 -5.33 22.87 13.74
C LYS A 248 -5.06 22.79 12.24
N ARG A 249 -5.46 21.69 11.59
CA ARG A 249 -5.37 21.62 10.12
C ARG A 249 -6.16 22.75 9.48
N LEU A 250 -7.38 22.97 9.96
CA LEU A 250 -8.23 23.99 9.39
C LEU A 250 -7.69 25.39 9.66
N GLU A 251 -7.09 25.60 10.84
CA GLU A 251 -6.48 26.87 11.16
C GLU A 251 -5.30 27.16 10.23
N PHE A 252 -4.52 26.12 9.95
CA PHE A 252 -3.44 26.27 8.98
C PHE A 252 -3.97 26.72 7.62
N LEU A 253 -4.96 25.99 7.11
CA LEU A 253 -5.46 26.30 5.78
C LEU A 253 -5.99 27.74 5.72
N ALA A 254 -6.81 28.12 6.69
CA ALA A 254 -7.32 29.48 6.74
C ALA A 254 -6.21 30.52 6.85
N TYR A 255 -5.22 30.25 7.72
CA TYR A 255 -4.15 31.22 7.92
C TYR A 255 -3.36 31.41 6.63
N TYR A 256 -2.97 30.30 6.02
CA TYR A 256 -2.19 30.42 4.78
C TYR A 256 -2.97 31.06 3.65
N PHE A 257 -4.23 30.64 3.47
CA PHE A 257 -5.01 31.20 2.36
C PHE A 257 -5.27 32.68 2.61
N ASN A 258 -5.43 33.06 3.88
CA ASN A 258 -5.62 34.48 4.18
C ASN A 258 -4.35 35.29 3.90
N ARG A 259 -3.19 34.75 4.26
CA ARG A 259 -1.94 35.43 3.95
C ARG A 259 -1.77 35.55 2.44
N GLY A 260 -2.15 34.52 1.69
CA GLY A 260 -2.07 34.60 0.24
C GLY A 260 -2.83 35.81 -0.26
N GLU A 261 -4.04 35.99 0.24
CA GLU A 261 -4.85 37.16 -0.12
C GLU A 261 -4.13 38.46 0.24
N GLU A 262 -3.55 38.49 1.43
CA GLU A 262 -2.88 39.69 1.91
C GLU A 262 -1.67 40.01 1.06
N TRP A 263 -0.97 38.97 0.64
CA TRP A 263 0.25 39.15 -0.13
C TRP A 263 -0.03 39.42 -1.60
N GLY A 264 -1.27 39.23 -2.03
CA GLY A 264 -1.59 39.36 -3.44
C GLY A 264 -1.01 38.23 -4.28
N LYS A 265 -0.98 37.03 -3.71
CA LYS A 265 -0.42 35.87 -4.38
C LYS A 265 -1.41 34.75 -4.40
N GLU A 266 -1.38 33.94 -5.45
CA GLU A 266 -2.14 32.70 -5.50
C GLU A 266 -1.27 31.60 -4.95
N VAL A 267 -1.59 31.16 -3.73
CA VAL A 267 -0.75 30.15 -3.08
C VAL A 267 -1.34 28.74 -3.24
N VAL A 268 -0.51 27.75 -3.01
CA VAL A 268 -0.84 26.35 -3.19
C VAL A 268 -0.44 25.56 -1.94
N THR A 269 -1.29 24.63 -1.48
CA THR A 269 -0.76 23.66 -0.52
C THR A 269 -1.08 22.24 -1.03
N THR A 270 -0.15 21.34 -0.77
CA THR A 270 -0.26 19.96 -1.23
C THR A 270 -0.23 19.01 -0.04
N TYR A 271 -0.72 17.81 -0.26
CA TYR A 271 -0.75 16.79 0.77
C TYR A 271 -0.75 15.42 0.08
N LYS A 272 -0.42 14.36 0.80
CA LYS A 272 -0.25 13.07 0.15
C LYS A 272 -1.60 12.48 -0.27
N HIS A 273 -1.63 11.88 -1.46
CA HIS A 273 -2.95 11.72 -2.08
C HIS A 273 -3.82 10.69 -1.36
N HIS A 274 -3.21 9.76 -0.64
CA HIS A 274 -3.98 8.80 0.19
C HIS A 274 -4.36 9.34 1.58
N ASP A 275 -3.67 10.40 2.01
N ASP A 275 -3.68 10.41 2.00
CA ASP A 275 -3.93 11.05 3.29
CA ASP A 275 -3.94 11.03 3.29
C ASP A 275 -5.29 11.73 3.22
C ASP A 275 -5.26 11.79 3.24
N HIS A 276 -6.03 11.74 4.31
CA HIS A 276 -7.33 12.41 4.34
C HIS A 276 -7.32 13.76 5.04
N GLY A 277 -6.14 14.27 5.35
CA GLY A 277 -6.04 15.44 6.21
C GLY A 277 -6.51 16.75 5.62
N PHE A 278 -6.37 16.91 4.30
CA PHE A 278 -6.92 18.04 3.60
C PHE A 278 -7.91 17.50 2.54
N ARG A 279 -8.52 18.43 1.84
CA ARG A 279 -9.49 18.10 0.78
C ARG A 279 -8.99 18.58 -0.57
N ASN A 280 -9.35 17.84 -1.63
CA ASN A 280 -8.91 18.15 -2.99
C ASN A 280 -9.73 19.27 -3.60
N THR A 281 -10.63 19.86 -2.82
CA THR A 281 -11.27 21.12 -3.15
C THR A 281 -10.30 22.30 -3.07
N SER A 282 -9.38 22.28 -2.11
CA SER A 282 -8.55 23.47 -1.90
C SER A 282 -7.07 23.16 -1.81
N ALA A 283 -6.72 21.88 -1.72
CA ALA A 283 -5.33 21.44 -1.67
C ALA A 283 -5.09 20.52 -2.84
N VAL A 284 -3.83 20.43 -3.28
CA VAL A 284 -3.45 19.58 -4.41
C VAL A 284 -2.93 18.24 -3.94
N ASP A 285 -3.48 17.15 -4.49
CA ASP A 285 -3.04 15.80 -4.17
C ASP A 285 -1.64 15.54 -4.70
N ASP A 286 -0.79 14.96 -3.87
CA ASP A 286 0.58 14.64 -4.23
C ASP A 286 0.83 13.13 -4.15
N TRP A 287 1.27 12.58 -5.28
CA TRP A 287 1.55 11.16 -5.43
C TRP A 287 3.03 10.92 -5.21
N GLU A 288 3.39 10.12 -4.23
CA GLU A 288 4.78 9.93 -3.81
C GLU A 288 5.50 8.85 -4.61
N ARG A 289 6.65 9.15 -5.21
CA ARG A 289 7.42 8.15 -5.96
C ARG A 289 6.56 7.41 -6.96
N GLY A 290 5.69 8.13 -7.65
CA GLY A 290 4.82 7.47 -8.62
C GLY A 290 3.81 8.49 -9.11
N GLY A 291 2.65 8.01 -9.52
CA GLY A 291 1.65 8.88 -10.13
C GLY A 291 0.61 7.95 -10.72
N PRO A 292 -0.49 8.52 -11.22
CA PRO A 292 -1.56 7.66 -11.71
C PRO A 292 -1.21 6.96 -13.00
N SER A 293 -1.86 5.82 -13.25
CA SER A 293 -1.73 5.15 -14.55
C SER A 293 -2.59 5.81 -15.61
N ASN A 294 -3.53 6.64 -15.18
CA ASN A 294 -4.47 7.30 -16.06
C ASN A 294 -4.38 8.80 -15.93
N LEU A 295 -5.10 9.50 -16.80
CA LEU A 295 -5.30 10.94 -16.69
C LEU A 295 -6.25 11.22 -15.53
N VAL A 296 -5.80 12.00 -14.54
CA VAL A 296 -6.58 12.28 -13.34
C VAL A 296 -6.94 13.76 -13.29
N ARG A 297 -8.18 14.03 -12.91
CA ARG A 297 -8.65 15.40 -12.65
C ARG A 297 -9.32 15.39 -11.30
N PRO A 298 -9.14 16.46 -10.51
CA PRO A 298 -8.46 17.71 -10.87
C PRO A 298 -6.96 17.60 -10.84
N TYR A 299 -6.35 18.70 -11.25
CA TYR A 299 -4.89 18.86 -11.33
C TYR A 299 -4.19 18.34 -10.07
N TRP A 300 -3.12 17.58 -10.24
CA TRP A 300 -2.43 16.88 -9.13
C TRP A 300 -0.91 17.04 -9.32
N GLN A 301 -0.10 16.50 -8.42
CA GLN A 301 1.32 16.44 -8.69
C GLN A 301 1.95 15.18 -8.15
N THR A 302 3.10 14.85 -8.72
CA THR A 302 4.01 13.80 -8.26
C THR A 302 5.15 14.46 -7.50
N ASP A 303 5.62 13.87 -6.40
CA ASP A 303 6.95 14.22 -5.92
C ASP A 303 7.76 12.93 -5.94
N ASP A 304 8.89 12.98 -6.63
CA ASP A 304 9.75 11.81 -6.78
C ASP A 304 11.15 12.21 -6.43
N ALA A 305 12.03 11.22 -6.33
CA ALA A 305 13.39 11.43 -5.86
C ALA A 305 14.39 11.01 -6.91
N ILE A 306 15.54 11.63 -6.90
CA ILE A 306 16.59 11.32 -7.87
C ILE A 306 17.25 9.96 -7.59
N SER A 307 17.04 9.43 -6.37
CA SER A 307 17.47 8.08 -6.01
C SER A 307 16.29 7.22 -5.62
N ALA A 308 16.32 5.95 -5.99
CA ALA A 308 15.32 4.98 -5.57
C ALA A 308 15.33 4.66 -4.07
N SER A 309 16.49 4.81 -3.43
CA SER A 309 16.66 4.24 -2.10
C SER A 309 16.49 5.22 -0.95
N SER A 310 16.56 6.52 -1.23
CA SER A 310 16.56 7.52 -0.18
C SER A 310 16.21 8.86 -0.77
N TRP A 311 15.66 9.74 0.07
CA TRP A 311 15.48 11.15 -0.31
C TRP A 311 16.69 11.97 0.07
N SER A 312 17.51 11.44 0.97
CA SER A 312 18.66 12.15 1.52
C SER A 312 19.96 11.43 1.16
N TYR A 313 21.04 12.17 1.00
CA TYR A 313 22.30 11.57 0.56
C TYR A 313 22.81 10.49 1.51
N THR A 314 23.17 9.35 0.94
CA THR A 314 23.84 8.31 1.72
C THR A 314 25.08 7.86 0.98
N VAL A 315 26.10 7.40 1.70
CA VAL A 315 27.30 6.92 1.06
C VAL A 315 26.96 5.70 0.22
N GLY A 316 27.32 5.74 -1.06
CA GLY A 316 27.05 4.66 -1.98
C GLY A 316 25.73 4.79 -2.73
N ILE A 317 25.03 5.90 -2.52
CA ILE A 317 23.73 6.11 -3.15
C ILE A 317 23.82 6.06 -4.69
N LYS A 318 22.79 5.49 -5.30
CA LYS A 318 22.70 5.40 -6.75
C LYS A 318 21.52 6.23 -7.26
N TYR A 319 21.61 6.69 -8.49
CA TYR A 319 20.64 7.63 -9.04
C TYR A 319 19.93 7.11 -10.27
N TYR A 320 18.70 7.58 -10.50
CA TYR A 320 18.00 7.35 -11.73
C TYR A 320 18.72 8.01 -12.89
N SER A 321 18.42 7.54 -14.09
CA SER A 321 18.97 8.16 -15.29
C SER A 321 18.23 9.43 -15.62
N SER A 322 18.90 10.29 -16.38
N SER A 322 18.84 10.31 -16.40
CA SER A 322 18.23 11.46 -16.93
CA SER A 322 18.09 11.49 -16.81
C SER A 322 17.01 11.08 -17.75
C SER A 322 16.99 11.14 -17.82
N LYS A 323 17.15 10.01 -18.54
CA LYS A 323 16.06 9.54 -19.37
C LYS A 323 14.83 9.24 -18.54
N ALA A 324 15.03 8.50 -17.44
CA ALA A 324 13.90 8.16 -16.59
C ALA A 324 13.25 9.43 -16.02
N MET A 325 14.06 10.43 -15.68
CA MET A 325 13.48 11.64 -15.10
C MET A 325 12.71 12.42 -16.14
N VAL A 326 13.25 12.57 -17.35
CA VAL A 326 12.55 13.32 -18.40
C VAL A 326 11.30 12.56 -18.87
N HIS A 327 11.43 11.25 -19.10
CA HIS A 327 10.24 10.50 -19.54
C HIS A 327 9.15 10.51 -18.47
N SER A 328 9.55 10.45 -17.20
CA SER A 328 8.56 10.48 -16.11
C SER A 328 7.88 11.86 -16.05
N LEU A 329 8.65 12.93 -16.25
CA LEU A 329 8.06 14.27 -16.29
C LEU A 329 7.01 14.34 -17.37
N LEU A 330 7.35 13.85 -18.57
CA LEU A 330 6.40 13.86 -19.68
C LEU A 330 5.16 13.05 -19.37
N ASP A 331 5.35 11.90 -18.74
CA ASP A 331 4.20 11.10 -18.35
C ASP A 331 3.27 11.86 -17.41
N ARG A 332 3.81 12.45 -16.34
N ARG A 332 3.85 12.46 -16.38
CA ARG A 332 2.96 13.15 -15.37
CA ARG A 332 3.05 13.10 -15.36
C ARG A 332 2.26 14.33 -16.01
C ARG A 332 2.33 14.35 -15.91
N VAL A 333 3.02 15.11 -16.76
CA VAL A 333 2.44 16.30 -17.37
C VAL A 333 1.30 15.92 -18.34
N SER A 334 1.48 14.82 -19.08
CA SER A 334 0.45 14.37 -20.02
C SER A 334 -0.81 13.89 -19.29
N LYS A 335 -0.66 13.51 -18.02
CA LYS A 335 -1.76 12.99 -17.24
C LYS A 335 -2.39 14.05 -16.31
N ASN A 336 -2.08 15.32 -16.55
CA ASN A 336 -2.66 16.48 -15.88
C ASN A 336 -2.04 16.76 -14.51
N GLY A 337 -0.75 16.45 -14.40
CA GLY A 337 -0.01 16.76 -13.17
C GLY A 337 1.26 17.58 -13.38
N ASN A 338 1.84 18.02 -12.27
CA ASN A 338 3.21 18.51 -12.21
C ASN A 338 4.13 17.46 -11.64
N MET A 339 5.44 17.62 -11.82
N MET A 339 5.43 17.64 -11.83
CA MET A 339 6.41 16.76 -11.14
CA MET A 339 6.47 16.82 -11.21
C MET A 339 7.43 17.56 -10.37
C MET A 339 7.35 17.69 -10.33
N LEU A 340 7.47 17.30 -9.07
CA LEU A 340 8.41 17.91 -8.15
C LEU A 340 9.51 16.87 -7.90
N LEU A 341 10.74 17.17 -8.30
CA LEU A 341 11.87 16.28 -8.13
C LEU A 341 12.72 16.64 -6.92
N ASN A 342 12.96 15.67 -6.06
CA ASN A 342 13.87 15.82 -4.92
C ASN A 342 15.31 15.50 -5.29
N ILE A 343 16.22 16.39 -4.89
CA ILE A 343 17.66 16.12 -4.99
C ILE A 343 18.27 16.05 -3.60
N SER A 344 19.53 15.64 -3.52
CA SER A 344 20.09 15.12 -2.27
C SER A 344 21.52 15.59 -2.02
N PRO A 345 21.69 16.81 -1.51
CA PRO A 345 23.04 17.28 -1.16
C PRO A 345 23.64 16.46 -0.04
N MET A 346 24.96 16.33 -0.06
CA MET A 346 25.66 15.66 1.03
C MET A 346 25.55 16.48 2.30
N ALA A 347 25.92 15.88 3.43
CA ALA A 347 25.81 16.56 4.70
C ALA A 347 26.57 17.88 4.73
N ASN A 348 27.70 17.97 4.04
CA ASN A 348 28.49 19.20 4.02
C ASN A 348 27.94 20.28 3.08
N GLY A 349 26.85 19.97 2.38
CA GLY A 349 26.20 20.92 1.49
C GLY A 349 26.61 20.84 0.03
N VAL A 350 27.46 19.88 -0.31
CA VAL A 350 27.86 19.70 -1.69
C VAL A 350 26.85 18.88 -2.47
N LEU A 351 26.49 19.32 -3.66
CA LEU A 351 25.63 18.54 -4.54
C LEU A 351 26.49 17.65 -5.43
N PRO A 352 26.37 16.31 -5.31
CA PRO A 352 27.22 15.43 -6.10
C PRO A 352 27.10 15.63 -7.60
N GLU A 353 28.21 15.46 -8.32
CA GLU A 353 28.23 15.75 -9.74
C GLU A 353 27.27 14.88 -10.55
N GLU A 354 27.01 13.65 -10.11
CA GLU A 354 26.08 12.79 -10.84
C GLU A 354 24.68 13.40 -10.82
N GLN A 355 24.35 14.09 -9.73
CA GLN A 355 23.06 14.74 -9.61
C GLN A 355 23.01 15.99 -10.47
N ILE A 356 24.12 16.72 -10.49
CA ILE A 356 24.22 17.91 -11.33
C ILE A 356 24.02 17.51 -12.78
N LYS A 357 24.58 16.36 -13.17
CA LYS A 357 24.46 15.94 -14.57
C LYS A 357 22.99 15.65 -14.92
N VAL A 358 22.28 14.98 -14.02
CA VAL A 358 20.87 14.75 -14.26
C VAL A 358 20.10 16.06 -14.42
N LEU A 359 20.32 17.00 -13.52
CA LEU A 359 19.65 18.29 -13.58
C LEU A 359 20.00 19.03 -14.87
N ASN A 360 21.27 18.98 -15.26
CA ASN A 360 21.69 19.60 -16.52
C ASN A 360 20.97 19.00 -17.71
N ASP A 361 20.83 17.68 -17.71
CA ASP A 361 20.17 17.01 -18.82
C ASP A 361 18.69 17.36 -18.87
N ILE A 362 18.02 17.40 -17.71
CA ILE A 362 16.63 17.81 -17.70
C ILE A 362 16.52 19.24 -18.25
N GLY A 363 17.45 20.12 -17.85
CA GLY A 363 17.41 21.49 -18.31
C GLY A 363 17.66 21.62 -19.79
N ASP A 364 18.51 20.76 -20.34
CA ASP A 364 18.76 20.77 -21.79
C ASP A 364 17.49 20.40 -22.53
N PHE A 365 16.77 19.42 -22.00
CA PHE A 365 15.51 19.05 -22.58
C PHE A 365 14.50 20.20 -22.51
N LEU A 366 14.31 20.77 -21.33
CA LEU A 366 13.27 21.78 -21.16
C LEU A 366 13.60 23.11 -21.88
N SER A 367 14.88 23.44 -21.98
N SER A 367 14.88 23.44 -21.96
CA SER A 367 15.20 24.67 -22.67
CA SER A 367 15.28 24.63 -22.71
C SER A 367 15.00 24.52 -24.18
C SER A 367 14.85 24.48 -24.17
N ARG A 368 15.12 23.29 -24.70
CA ARG A 368 14.92 23.05 -26.11
C ARG A 368 13.45 22.81 -26.44
N TYR A 369 12.76 22.07 -25.57
CA TYR A 369 11.43 21.56 -25.89
C TYR A 369 10.36 22.08 -24.98
N GLY A 370 10.69 23.13 -24.21
CA GLY A 370 9.75 23.69 -23.25
C GLY A 370 8.39 24.06 -23.81
N GLU A 371 8.31 24.36 -25.11
CA GLU A 371 7.03 24.68 -25.72
C GLU A 371 5.99 23.57 -25.55
N ALA A 372 6.46 22.32 -25.58
CA ALA A 372 5.56 21.17 -25.41
C ALA A 372 5.27 20.86 -23.95
N VAL A 373 5.88 21.58 -23.01
CA VAL A 373 5.73 21.24 -21.59
C VAL A 373 5.14 22.44 -20.84
N TYR A 374 5.93 23.50 -20.68
CA TYR A 374 5.45 24.67 -19.95
C TYR A 374 4.22 25.23 -20.59
N ASP A 375 3.29 25.70 -19.76
CA ASP A 375 2.12 26.46 -20.24
C ASP A 375 1.17 25.60 -21.09
N THR A 376 1.37 24.29 -21.12
CA THR A 376 0.46 23.40 -21.84
C THR A 376 -0.56 22.80 -20.87
N ARG A 377 -1.52 22.09 -21.43
CA ARG A 377 -2.49 21.36 -20.62
C ARG A 377 -2.61 19.96 -21.20
N ALA A 378 -3.03 19.02 -20.38
CA ALA A 378 -3.28 17.66 -20.85
C ALA A 378 -4.34 17.68 -21.94
N TRP A 379 -4.18 16.72 -22.85
CA TRP A 379 -5.21 16.42 -23.83
C TRP A 379 -6.22 15.51 -23.14
N ASP A 380 -7.13 14.90 -23.87
CA ASP A 380 -8.08 14.00 -23.22
C ASP A 380 -7.54 12.60 -23.13
N ILE A 381 -6.53 12.32 -23.93
CA ILE A 381 -5.84 11.05 -23.89
C ILE A 381 -4.38 11.34 -23.63
N TYR A 382 -3.76 10.68 -22.67
CA TYR A 382 -2.46 11.15 -22.23
C TYR A 382 -1.35 10.66 -23.15
N GLY A 383 -1.56 9.53 -23.83
CA GLY A 383 -0.43 8.90 -24.50
C GLY A 383 -0.74 7.54 -25.07
N GLU A 384 0.26 6.94 -25.71
CA GLU A 384 0.12 5.64 -26.38
C GLU A 384 1.39 4.88 -26.31
N GLY A 385 1.29 3.56 -26.36
CA GLY A 385 2.47 2.76 -26.51
C GLY A 385 2.61 1.68 -25.46
N PRO A 386 3.66 0.85 -25.61
CA PRO A 386 3.80 -0.34 -24.78
C PRO A 386 4.36 -0.04 -23.40
N ASN A 387 5.18 1.00 -23.29
CA ASN A 387 5.80 1.28 -21.99
C ASN A 387 4.94 2.22 -21.14
N GLN A 388 4.51 1.74 -19.99
CA GLN A 388 3.57 2.48 -19.15
C GLN A 388 3.95 2.29 -17.71
N VAL A 389 3.69 3.31 -16.90
CA VAL A 389 3.91 3.13 -15.48
C VAL A 389 2.78 2.30 -14.89
N GLU A 390 3.09 1.65 -13.78
CA GLU A 390 2.15 0.78 -13.10
C GLU A 390 0.94 1.52 -12.52
N GLY A 391 1.18 2.74 -12.02
CA GLY A 391 0.10 3.46 -11.40
C GLY A 391 0.19 3.33 -9.89
N GLY A 392 0.03 4.45 -9.19
CA GLY A 392 0.03 4.46 -7.75
C GLY A 392 1.31 5.07 -7.24
N SER A 393 1.35 5.33 -5.94
N SER A 393 1.35 5.33 -5.94
CA SER A 393 2.58 5.74 -5.29
CA SER A 393 2.58 5.73 -5.28
C SER A 393 3.52 4.55 -5.23
C SER A 393 3.52 4.55 -5.26
N PHE A 394 4.81 4.82 -5.06
CA PHE A 394 5.85 3.78 -4.95
C PHE A 394 5.87 2.85 -6.15
N THR A 395 5.91 3.44 -7.34
CA THR A 395 6.05 2.66 -8.56
C THR A 395 7.25 3.18 -9.34
N ALA A 396 7.69 2.41 -10.33
CA ALA A 396 8.94 2.73 -11.02
C ALA A 396 8.77 3.94 -11.97
N PRO A 397 9.83 4.77 -12.11
CA PRO A 397 9.75 5.83 -13.12
C PRO A 397 9.58 5.27 -14.52
N LEU A 398 9.00 6.05 -15.40
CA LEU A 398 8.87 5.66 -16.80
C LEU A 398 10.20 5.70 -17.52
N GLN A 399 10.49 4.65 -18.29
CA GLN A 399 11.53 4.72 -19.31
C GLN A 399 10.94 4.19 -20.59
N GLY A 400 10.78 5.05 -21.58
CA GLY A 400 10.16 4.66 -22.82
C GLY A 400 11.13 4.66 -23.96
N ASN A 401 10.60 4.50 -25.16
CA ASN A 401 11.44 4.50 -26.35
C ASN A 401 10.63 5.01 -27.51
N SER A 402 11.13 4.80 -28.73
CA SER A 402 10.45 5.34 -29.92
C SER A 402 9.04 4.81 -30.15
N SER A 403 8.66 3.75 -29.44
CA SER A 403 7.32 3.19 -29.50
C SER A 403 6.28 3.96 -28.68
N ASP A 404 6.74 4.90 -27.86
CA ASP A 404 5.87 5.57 -26.90
C ASP A 404 5.67 7.04 -27.23
N ILE A 405 4.45 7.51 -27.12
N ILE A 405 4.43 7.49 -27.08
CA ILE A 405 4.20 8.95 -27.25
CA ILE A 405 3.98 8.86 -27.30
C ILE A 405 3.33 9.47 -26.09
C ILE A 405 3.36 9.42 -26.02
N ARG A 406 3.62 10.69 -25.70
CA ARG A 406 2.86 11.40 -24.67
C ARG A 406 2.34 12.71 -25.28
N PHE A 407 1.11 13.06 -24.98
CA PHE A 407 0.42 14.20 -25.62
C PHE A 407 0.34 15.36 -24.65
N THR A 408 0.47 16.57 -25.17
CA THR A 408 0.10 17.80 -24.44
C THR A 408 -0.52 18.70 -25.48
N ARG A 409 -1.24 19.74 -25.07
CA ARG A 409 -1.81 20.67 -26.04
C ARG A 409 -1.70 22.10 -25.56
N ASN A 410 -1.88 23.05 -26.47
CA ASN A 410 -1.77 24.44 -26.03
C ASN A 410 -3.10 24.92 -25.39
N LYS A 411 -3.04 26.10 -24.78
CA LYS A 411 -4.23 26.63 -24.12
C LYS A 411 -5.33 26.98 -25.08
N GLU A 412 -4.95 27.39 -26.29
CA GLU A 412 -5.94 27.69 -27.31
C GLU A 412 -6.62 26.45 -27.88
N ASP A 413 -6.06 25.28 -27.58
CA ASP A 413 -6.67 23.99 -27.95
C ASP A 413 -6.71 23.78 -29.45
N ASP A 414 -5.71 24.30 -30.15
CA ASP A 414 -5.61 24.03 -31.60
C ASP A 414 -4.22 23.53 -31.99
N VAL A 415 -3.36 23.28 -31.01
CA VAL A 415 -2.06 22.65 -31.24
C VAL A 415 -1.91 21.45 -30.34
N LEU A 416 -1.66 20.30 -30.95
CA LEU A 416 -1.34 19.09 -30.22
C LEU A 416 0.13 18.78 -30.35
N TYR A 417 0.79 18.61 -29.21
CA TYR A 417 2.19 18.20 -29.15
C TYR A 417 2.23 16.70 -28.95
N VAL A 418 2.96 16.03 -29.83
CA VAL A 418 3.13 14.59 -29.82
C VAL A 418 4.58 14.36 -29.51
N THR A 419 4.86 13.96 -28.29
CA THR A 419 6.24 13.77 -27.88
C THR A 419 6.57 12.29 -27.89
N VAL A 420 7.53 11.90 -28.72
N VAL A 420 7.58 11.93 -28.66
CA VAL A 420 7.93 10.51 -28.86
CA VAL A 420 7.97 10.54 -28.88
C VAL A 420 9.19 10.26 -28.04
C VAL A 420 9.22 10.26 -28.05
N LEU A 421 9.24 9.14 -27.33
CA LEU A 421 10.25 8.96 -26.29
C LEU A 421 11.51 8.27 -26.78
N GLY A 422 11.76 8.40 -28.08
CA GLY A 422 12.99 7.93 -28.70
C GLY A 422 12.92 8.25 -30.18
N TRP A 423 14.04 8.14 -30.90
CA TRP A 423 14.02 8.38 -32.34
C TRP A 423 13.66 7.10 -33.08
N PRO A 424 12.56 7.13 -33.85
CA PRO A 424 12.11 5.97 -34.61
C PRO A 424 13.12 5.55 -35.69
N GLU A 425 13.68 4.36 -35.57
CA GLU A 425 14.63 3.87 -36.58
C GLU A 425 13.96 3.68 -37.95
N ASP A 426 12.66 3.42 -37.95
CA ASP A 426 11.90 3.30 -39.19
C ASP A 426 11.43 4.66 -39.71
N ASN A 427 11.83 5.75 -39.05
CA ASN A 427 11.45 7.11 -39.44
C ASN A 427 9.95 7.32 -39.52
N LEU A 428 9.23 6.56 -38.71
CA LEU A 428 7.78 6.61 -38.71
C LEU A 428 7.25 6.78 -37.31
N VAL A 429 6.34 7.73 -37.15
CA VAL A 429 5.57 7.83 -35.92
C VAL A 429 4.13 7.59 -36.25
N SER A 430 3.55 6.54 -35.65
CA SER A 430 2.13 6.26 -35.87
C SER A 430 1.31 6.66 -34.66
N VAL A 431 0.43 7.62 -34.84
CA VAL A 431 -0.42 8.10 -33.74
C VAL A 431 -1.79 7.43 -33.86
N LYS A 432 -2.01 6.40 -33.04
CA LYS A 432 -3.25 5.64 -33.12
C LYS A 432 -4.48 6.47 -32.87
N ASN A 433 -4.42 7.39 -31.90
CA ASN A 433 -5.60 8.17 -31.58
C ASN A 433 -5.94 9.25 -32.59
N LEU A 434 -5.16 9.34 -33.68
CA LEU A 434 -5.51 10.23 -34.78
C LEU A 434 -5.76 9.43 -36.08
N GLY A 435 -5.89 8.10 -35.98
CA GLY A 435 -6.22 7.30 -37.16
C GLY A 435 -7.72 7.31 -37.41
N SER A 436 -8.17 6.62 -38.46
N SER A 436 -8.13 6.59 -38.47
CA SER A 436 -9.60 6.69 -38.79
CA SER A 436 -9.55 6.56 -38.86
C SER A 436 -10.45 5.75 -37.90
C SER A 436 -10.42 5.78 -37.89
N ASN A 437 -9.86 4.74 -37.28
CA ASN A 437 -10.57 3.94 -36.27
C ASN A 437 -10.98 4.85 -35.11
N ALA A 438 -10.19 5.88 -34.86
CA ALA A 438 -10.48 6.86 -33.82
C ALA A 438 -11.52 7.89 -34.25
N LEU A 439 -12.05 7.72 -35.47
CA LEU A 439 -13.10 8.59 -36.00
C LEU A 439 -12.65 10.05 -36.04
N VAL A 440 -11.37 10.24 -36.33
CA VAL A 440 -10.79 11.56 -36.38
C VAL A 440 -10.74 12.08 -37.81
N ASP A 441 -11.30 13.27 -38.02
CA ASP A 441 -11.24 13.94 -39.32
C ASP A 441 -10.05 14.89 -39.33
N LEU A 442 -9.10 14.66 -40.23
CA LEU A 442 -7.88 15.46 -40.28
C LEU A 442 -7.94 16.55 -41.35
N GLU A 443 -9.13 16.87 -41.84
CA GLU A 443 -9.25 17.93 -42.84
C GLU A 443 -8.67 19.24 -42.33
N SER A 444 -8.70 19.44 -41.02
CA SER A 444 -8.25 20.68 -40.40
C SER A 444 -6.79 20.65 -39.94
N LEU A 445 -6.10 19.54 -40.16
CA LEU A 445 -4.66 19.49 -39.87
C LEU A 445 -3.90 20.31 -40.89
N LYS A 446 -3.49 21.51 -40.46
CA LYS A 446 -2.82 22.52 -41.30
C LYS A 446 -1.34 22.29 -41.48
N SER A 447 -0.70 21.80 -40.42
CA SER A 447 0.74 21.61 -40.47
C SER A 447 1.20 20.62 -39.43
N VAL A 448 2.28 19.92 -39.77
CA VAL A 448 2.99 19.01 -38.89
C VAL A 448 4.45 19.44 -38.93
N GLU A 449 5.01 19.72 -37.76
CA GLU A 449 6.37 20.22 -37.65
C GLU A 449 7.12 19.45 -36.60
N LEU A 450 8.40 19.24 -36.82
CA LEU A 450 9.27 18.69 -35.81
C LEU A 450 10.01 19.82 -35.12
N LEU A 451 9.97 19.87 -33.79
CA LEU A 451 10.71 20.88 -33.05
C LEU A 451 12.20 20.63 -33.24
N GLY A 452 12.92 21.69 -33.57
CA GLY A 452 14.31 21.60 -33.96
C GLY A 452 15.34 21.70 -32.84
N ASP A 453 16.53 22.20 -33.18
CA ASP A 453 17.69 22.14 -32.30
C ASP A 453 17.64 23.19 -31.21
N LYS A 454 16.90 24.25 -31.43
CA LYS A 454 16.70 25.25 -30.39
C LYS A 454 15.25 25.69 -30.41
N ALA A 455 14.77 26.16 -29.27
CA ALA A 455 13.39 26.62 -29.17
C ALA A 455 13.08 27.67 -30.22
N GLY A 456 11.95 27.48 -30.88
CA GLY A 456 11.49 28.40 -31.91
C GLY A 456 11.89 27.96 -33.30
N ASP A 457 12.71 26.93 -33.44
N ASP A 457 12.70 26.90 -33.37
CA ASP A 457 13.06 26.46 -34.77
CA ASP A 457 13.04 26.22 -34.62
C ASP A 457 12.27 25.18 -35.02
C ASP A 457 12.03 25.17 -34.96
N TYR A 458 11.74 25.04 -36.24
CA TYR A 458 10.91 23.93 -36.66
C TYR A 458 11.39 23.36 -37.99
N VAL A 459 11.22 22.06 -38.15
CA VAL A 459 11.52 21.42 -39.40
C VAL A 459 10.21 20.89 -39.93
N LYS A 460 9.87 21.23 -41.16
CA LYS A 460 8.60 20.85 -41.74
C LYS A 460 8.53 19.35 -41.98
N VAL A 461 7.39 18.77 -41.66
CA VAL A 461 7.11 17.35 -41.90
C VAL A 461 6.11 17.31 -43.03
N SER A 462 6.55 16.85 -44.20
N SER A 462 6.54 16.86 -44.21
CA SER A 462 5.73 16.97 -45.42
CA SER A 462 5.69 16.96 -45.39
C SER A 462 4.93 15.72 -45.75
C SER A 462 4.84 15.72 -45.62
N GLU A 463 5.38 14.56 -45.24
CA GLU A 463 4.75 13.30 -45.59
C GLU A 463 4.02 12.63 -44.43
N TRP A 464 2.71 12.52 -44.57
CA TRP A 464 1.87 11.76 -43.63
C TRP A 464 0.59 11.21 -44.28
N GLU A 465 0.10 10.10 -43.76
CA GLU A 465 -1.12 9.46 -44.25
C GLU A 465 -1.89 9.00 -43.05
N GLN A 466 -3.22 9.04 -43.15
CA GLN A 466 -4.09 8.52 -42.09
C GLN A 466 -4.60 7.14 -42.45
N SER A 467 -4.14 6.12 -41.75
CA SER A 467 -4.64 4.75 -41.93
C SER A 467 -5.76 4.47 -40.93
N LYS A 468 -6.37 3.29 -41.04
CA LYS A 468 -7.32 2.84 -40.02
C LYS A 468 -6.68 2.93 -38.64
N ASP A 469 -5.46 2.40 -38.53
CA ASP A 469 -4.84 2.25 -37.23
C ASP A 469 -4.31 3.55 -36.67
N ALA A 470 -3.87 4.47 -37.53
CA ALA A 470 -3.06 5.58 -37.02
C ALA A 470 -2.87 6.69 -38.03
N LEU A 471 -2.62 7.89 -37.54
CA LEU A 471 -1.97 8.90 -38.35
C LEU A 471 -0.49 8.51 -38.49
N ASP A 472 -0.09 8.13 -39.69
CA ASP A 472 1.25 7.67 -39.96
C ASP A 472 2.13 8.80 -40.50
N ILE A 473 3.03 9.30 -39.65
CA ILE A 473 3.88 10.46 -39.94
C ILE A 473 5.30 10.04 -40.28
N THR A 474 5.75 10.42 -41.48
CA THR A 474 7.13 10.15 -41.88
C THR A 474 8.04 11.27 -41.41
N LEU A 475 9.12 10.95 -40.70
CA LEU A 475 9.91 12.01 -40.09
C LEU A 475 10.92 12.65 -41.03
N PRO A 476 11.19 13.96 -40.84
CA PRO A 476 12.27 14.62 -41.57
C PRO A 476 13.62 14.18 -41.02
N SER A 477 14.67 14.91 -41.36
CA SER A 477 15.99 14.51 -40.91
C SER A 477 16.07 14.64 -39.40
N GLN A 478 16.67 13.65 -38.75
CA GLN A 478 16.81 13.65 -37.29
C GLN A 478 17.55 14.90 -36.84
N PRO A 479 16.97 15.64 -35.89
CA PRO A 479 17.67 16.82 -35.36
C PRO A 479 18.76 16.39 -34.39
N ALA A 480 19.37 17.37 -33.74
CA ALA A 480 20.32 17.07 -32.69
C ALA A 480 19.73 16.07 -31.69
N GLU A 481 20.57 15.17 -31.20
CA GLU A 481 20.13 14.13 -30.27
C GLU A 481 19.43 14.70 -29.04
N SER A 482 18.35 14.03 -28.61
CA SER A 482 17.68 14.39 -27.36
C SER A 482 16.99 13.19 -26.77
N LEU A 483 16.55 13.34 -25.52
CA LEU A 483 15.91 12.23 -24.80
C LEU A 483 14.51 11.92 -25.27
N ALA A 484 13.88 12.88 -25.94
CA ALA A 484 12.60 12.68 -26.57
C ALA A 484 12.53 13.70 -27.71
N TYR A 485 11.59 13.52 -28.62
CA TYR A 485 11.46 14.39 -29.79
C TYR A 485 10.02 14.84 -29.86
N VAL A 486 9.77 16.03 -30.40
CA VAL A 486 8.43 16.60 -30.37
C VAL A 486 7.91 16.97 -31.73
N LEU A 487 6.74 16.45 -32.05
CA LEU A 487 5.99 16.85 -33.23
C LEU A 487 4.92 17.83 -32.80
N LYS A 488 4.73 18.85 -33.60
CA LYS A 488 3.75 19.90 -33.33
C LYS A 488 2.68 19.86 -34.44
N LEU A 489 1.45 19.53 -34.09
CA LEU A 489 0.36 19.42 -35.06
C LEU A 489 -0.59 20.59 -34.86
N THR A 490 -0.72 21.44 -35.89
CA THR A 490 -1.54 22.63 -35.78
C THR A 490 -2.83 22.43 -36.56
N PHE A 491 -3.94 22.71 -35.89
CA PHE A 491 -5.26 22.49 -36.46
C PHE A 491 -5.99 23.80 -36.69
N ASP A 492 -6.75 23.87 -37.78
CA ASP A 492 -7.74 24.91 -37.98
C ASP A 492 -8.90 24.65 -37.04
N GLY A 493 -9.20 25.61 -36.17
CA GLY A 493 -10.41 25.54 -35.35
C GLY A 493 -10.51 24.49 -34.27
N GLY A 494 -9.38 23.93 -33.85
CA GLY A 494 -9.41 23.06 -32.69
C GLY A 494 -9.04 21.63 -32.96
N ILE A 495 -8.39 21.00 -31.98
CA ILE A 495 -8.00 19.60 -32.10
C ILE A 495 -9.25 18.71 -32.15
N PRO A 496 -9.28 17.74 -33.07
CA PRO A 496 -10.40 16.79 -33.14
C PRO A 496 -10.55 16.00 -31.86
N VAL A 497 -11.78 15.60 -31.56
CA VAL A 497 -12.07 14.74 -30.42
C VAL A 497 -11.96 13.28 -30.83
N PRO A 498 -10.96 12.58 -30.30
CA PRO A 498 -10.76 11.16 -30.65
C PRO A 498 -11.76 10.20 -29.99
N GLN A 499 -12.09 9.11 -30.68
CA GLN A 499 -12.88 8.04 -30.08
C GLN A 499 -11.94 6.96 -29.56
N PRO A 500 -11.88 6.75 -28.24
CA PRO A 500 -10.97 5.72 -27.74
C PRO A 500 -11.39 4.35 -28.25
N GLU A 501 -10.44 3.44 -28.42
CA GLU A 501 -10.77 2.06 -28.80
C GLU A 501 -11.78 1.46 -27.83
N ARG A 502 -11.53 1.65 -26.53
CA ARG A 502 -12.50 1.31 -25.49
C ARG A 502 -12.72 2.57 -24.68
N GLY A 503 -13.95 3.08 -24.67
CA GLY A 503 -14.22 4.33 -24.02
C GLY A 503 -15.43 5.01 -24.62
N ALA A 504 -15.46 6.33 -24.51
CA ALA A 504 -16.59 7.10 -24.97
C ALA A 504 -16.13 8.51 -25.28
N ALA A 505 -17.04 9.28 -25.86
CA ALA A 505 -16.79 10.70 -26.08
C ALA A 505 -18.09 11.45 -25.89
N VAL A 506 -18.06 12.58 -25.18
CA VAL A 506 -19.27 13.35 -24.90
C VAL A 506 -19.19 14.69 -25.61
N PHE A 507 -20.34 15.22 -26.01
CA PHE A 507 -20.40 16.38 -26.89
C PHE A 507 -21.44 17.39 -26.44
N SER A 508 -21.22 18.64 -26.84
CA SER A 508 -22.12 19.74 -26.45
C SER A 508 -23.29 19.90 -27.41
N LYS A 509 -23.20 19.29 -28.59
CA LYS A 509 -24.30 19.31 -29.54
C LYS A 509 -24.93 17.93 -29.63
N ALA A 510 -26.18 17.87 -30.06
CA ALA A 510 -26.96 16.65 -29.99
C ALA A 510 -26.53 15.55 -30.96
N ASP A 511 -25.68 15.88 -31.93
CA ASP A 511 -25.35 14.94 -32.99
C ASP A 511 -23.88 14.53 -32.99
N ALA A 512 -23.28 14.41 -31.82
CA ALA A 512 -21.87 14.09 -31.68
C ALA A 512 -20.97 15.08 -32.40
N THR A 513 -21.31 16.36 -32.33
CA THR A 513 -20.45 17.43 -32.79
C THR A 513 -20.33 18.51 -31.73
N GLY A 514 -19.59 19.57 -32.01
CA GLY A 514 -19.44 20.65 -31.06
C GLY A 514 -18.23 20.40 -30.19
N LYS A 515 -18.20 21.04 -29.02
CA LYS A 515 -17.17 20.79 -28.02
C LYS A 515 -17.25 19.34 -27.58
N GLY A 516 -16.11 18.68 -27.47
CA GLY A 516 -16.12 17.29 -27.06
C GLY A 516 -15.02 16.93 -26.09
N VAL A 517 -15.24 15.86 -25.36
CA VAL A 517 -14.25 15.31 -24.44
C VAL A 517 -14.23 13.80 -24.62
N ALA A 518 -13.06 13.25 -24.92
CA ALA A 518 -12.87 11.80 -24.97
C ALA A 518 -12.66 11.26 -23.56
N LEU A 519 -13.22 10.09 -23.28
CA LEU A 519 -13.15 9.41 -21.99
C LEU A 519 -12.63 8.00 -22.16
N ALA A 520 -11.62 7.65 -21.38
CA ALA A 520 -11.16 6.28 -21.31
C ALA A 520 -12.12 5.46 -20.44
N LEU A 521 -11.80 4.19 -20.18
CA LEU A 521 -12.52 3.46 -19.14
C LEU A 521 -12.27 4.16 -17.81
N GLY A 522 -13.28 4.21 -16.96
CA GLY A 522 -13.10 4.84 -15.67
C GLY A 522 -14.32 5.57 -15.16
N THR A 523 -14.13 6.40 -14.15
CA THR A 523 -15.23 7.08 -13.49
C THR A 523 -14.96 8.58 -13.57
N PHE A 524 -15.94 9.35 -14.02
CA PHE A 524 -15.75 10.74 -14.36
C PHE A 524 -16.81 11.61 -13.72
N ASP A 525 -16.43 12.33 -12.67
CA ASP A 525 -17.45 13.07 -11.90
C ASP A 525 -17.60 14.47 -12.48
N THR A 526 -18.43 15.29 -11.83
CA THR A 526 -18.67 16.65 -12.31
C THR A 526 -17.36 17.46 -12.39
N VAL A 527 -16.50 17.28 -11.40
CA VAL A 527 -15.24 18.02 -11.39
C VAL A 527 -14.38 17.62 -12.59
N PHE A 528 -14.30 16.33 -12.86
CA PHE A 528 -13.53 15.87 -14.00
C PHE A 528 -14.03 16.48 -15.30
N LEU A 529 -15.33 16.33 -15.56
CA LEU A 529 -15.89 16.74 -16.84
C LEU A 529 -15.74 18.25 -17.01
N THR A 530 -16.03 19.00 -15.97
CA THR A 530 -15.87 20.45 -15.97
C THR A 530 -14.42 20.86 -16.28
N GLU A 531 -13.46 20.27 -15.58
CA GLU A 531 -12.07 20.64 -15.81
C GLU A 531 -11.61 20.23 -17.21
N ALA A 532 -12.18 19.14 -17.71
CA ALA A 532 -11.86 18.67 -19.07
C ALA A 532 -12.42 19.59 -20.14
N GLY A 533 -13.33 20.47 -19.78
CA GLY A 533 -13.83 21.45 -20.72
C GLY A 533 -15.31 21.33 -21.09
N LEU A 534 -16.03 20.41 -20.46
CA LEU A 534 -17.44 20.31 -20.75
C LEU A 534 -18.24 20.03 -19.47
N LYS A 535 -18.88 21.06 -18.93
CA LYS A 535 -19.74 20.90 -17.76
C LYS A 535 -20.75 19.84 -18.10
N PRO A 536 -20.99 18.91 -17.16
CA PRO A 536 -21.86 17.80 -17.54
C PRO A 536 -23.29 18.20 -17.90
N GLU A 537 -23.80 19.30 -17.37
CA GLU A 537 -25.14 19.75 -17.72
C GLU A 537 -25.21 20.22 -19.18
N GLU A 538 -24.06 20.43 -19.79
CA GLU A 538 -24.02 20.85 -21.20
C GLU A 538 -23.85 19.69 -22.16
N ILE A 539 -23.77 18.47 -21.65
CA ILE A 539 -23.66 17.31 -22.53
C ILE A 539 -24.99 17.06 -23.23
N ARG A 540 -24.94 16.91 -24.55
CA ARG A 540 -26.14 16.69 -25.35
C ARG A 540 -26.07 15.43 -26.19
N SER A 541 -24.89 14.82 -26.26
CA SER A 541 -24.78 13.50 -26.88
C SER A 541 -23.52 12.78 -26.41
N ILE A 542 -23.52 11.47 -26.60
CA ILE A 542 -22.38 10.63 -26.22
C ILE A 542 -22.21 9.55 -27.27
N ARG A 543 -20.96 9.31 -27.65
CA ARG A 543 -20.63 8.20 -28.53
C ARG A 543 -19.88 7.16 -27.69
N VAL A 544 -20.49 5.98 -27.55
CA VAL A 544 -19.90 4.90 -26.76
C VAL A 544 -19.20 3.94 -27.71
N SER A 545 -17.93 3.62 -27.46
CA SER A 545 -17.19 2.73 -28.36
C SER A 545 -17.68 1.29 -28.29
N ASP A 546 -17.38 0.54 -29.34
CA ASP A 546 -17.60 -0.91 -29.33
C ASP A 546 -16.93 -1.51 -28.10
N GLY A 547 -17.53 -2.57 -27.58
CA GLY A 547 -16.96 -3.26 -26.43
C GLY A 547 -17.03 -2.48 -25.14
N THR A 548 -17.82 -1.41 -25.13
CA THR A 548 -17.89 -0.51 -23.99
C THR A 548 -19.35 -0.22 -23.64
N LYS A 549 -19.63 0.13 -22.38
CA LYS A 549 -20.90 0.73 -22.04
C LYS A 549 -20.63 1.97 -21.22
N ALA A 550 -21.58 2.89 -21.19
CA ALA A 550 -21.47 4.06 -20.34
C ALA A 550 -22.70 4.14 -19.48
N THR A 551 -22.50 4.47 -18.22
CA THR A 551 -23.62 4.69 -17.32
C THR A 551 -23.64 6.16 -16.94
N LEU A 552 -24.73 6.85 -17.27
CA LEU A 552 -24.91 8.26 -16.90
C LEU A 552 -25.59 8.36 -15.55
N PHE A 553 -25.08 9.21 -14.68
CA PHE A 553 -25.70 9.45 -13.40
C PHE A 553 -26.16 10.88 -13.30
N SER A 554 -27.30 11.14 -12.68
CA SER A 554 -27.73 12.51 -12.45
C SER A 554 -26.85 13.22 -11.42
N GLY A 555 -26.32 12.47 -10.46
CA GLY A 555 -25.58 13.06 -9.36
C GLY A 555 -24.17 13.52 -9.72
N PHE A 556 -23.63 14.34 -8.82
CA PHE A 556 -22.31 14.94 -8.94
C PHE A 556 -21.21 13.86 -9.03
N ARG A 557 -21.41 12.75 -8.31
CA ARG A 557 -20.36 11.76 -8.18
C ARG A 557 -20.97 10.35 -7.99
N PHE A 558 -21.60 9.85 -9.05
CA PHE A 558 -22.06 8.45 -9.19
C PHE A 558 -23.18 8.07 -8.24
N THR A 559 -24.05 9.04 -8.00
CA THR A 559 -25.27 8.86 -7.23
C THR A 559 -26.47 9.32 -8.07
N GLY A 560 -27.67 9.00 -7.62
CA GLY A 560 -28.87 9.51 -8.26
C GLY A 560 -29.38 8.56 -9.32
N GLU A 561 -30.26 9.08 -10.17
CA GLU A 561 -30.82 8.28 -11.24
C GLU A 561 -29.72 7.94 -12.25
N SER A 562 -29.76 6.72 -12.76
CA SER A 562 -28.75 6.27 -13.72
C SER A 562 -29.35 5.64 -14.96
N LYS A 563 -28.61 5.71 -16.06
CA LYS A 563 -29.01 5.12 -17.34
C LYS A 563 -27.82 4.49 -18.03
N GLU A 564 -27.96 3.25 -18.47
CA GLU A 564 -26.89 2.55 -19.16
C GLU A 564 -27.03 2.67 -20.68
N LEU A 565 -25.92 2.94 -21.36
CA LEU A 565 -25.92 3.08 -22.81
C LEU A 565 -24.90 2.15 -23.43
N SER A 566 -25.30 1.39 -24.44
CA SER A 566 -24.36 0.50 -25.12
C SER A 566 -23.67 1.21 -26.31
N ALA A 567 -22.86 0.47 -27.04
CA ALA A 567 -22.07 1.02 -28.14
C ALA A 567 -22.94 1.75 -29.16
N GLY A 568 -22.44 2.89 -29.61
CA GLY A 568 -23.15 3.71 -30.58
C GLY A 568 -23.30 5.16 -30.14
N GLU A 569 -24.02 5.95 -30.93
CA GLU A 569 -24.28 7.35 -30.63
C GLU A 569 -25.63 7.54 -29.97
N HIS A 570 -25.69 8.38 -28.95
CA HIS A 570 -26.92 8.60 -28.20
C HIS A 570 -27.10 10.07 -27.89
N GLU A 571 -28.33 10.56 -28.02
CA GLU A 571 -28.63 11.91 -27.58
C GLU A 571 -28.85 11.92 -26.08
N VAL A 572 -28.44 13.03 -25.45
CA VAL A 572 -28.52 13.21 -24.02
C VAL A 572 -29.34 14.46 -23.73
N GLU A 573 -30.29 14.35 -22.81
CA GLU A 573 -31.08 15.49 -22.38
C GLU A 573 -30.24 16.53 -21.67
N ASP A 574 -30.35 17.78 -22.10
CA ASP A 574 -29.63 18.88 -21.47
C ASP A 574 -29.90 18.93 -19.96
N GLY A 575 -28.84 19.13 -19.19
CA GLY A 575 -28.95 19.22 -17.75
C GLY A 575 -29.32 17.94 -17.01
N SER A 576 -29.13 16.80 -17.65
CA SER A 576 -29.51 15.53 -17.05
C SER A 576 -28.34 14.75 -16.46
N VAL A 577 -27.12 15.04 -16.91
CA VAL A 577 -25.94 14.26 -16.50
C VAL A 577 -25.11 15.03 -15.48
N GLY A 578 -24.66 14.33 -14.43
CA GLY A 578 -23.74 14.90 -13.46
C GLY A 578 -22.41 14.16 -13.47
N SER A 579 -22.44 12.88 -13.81
CA SER A 579 -21.22 12.07 -13.78
C SER A 579 -21.42 10.84 -14.65
N ILE A 580 -20.33 10.21 -15.04
CA ILE A 580 -20.38 9.11 -16.00
C ILE A 580 -19.40 8.01 -15.63
N VAL A 581 -19.82 6.77 -15.70
CA VAL A 581 -18.93 5.61 -15.56
C VAL A 581 -18.82 4.90 -16.91
N VAL A 582 -17.60 4.69 -17.37
CA VAL A 582 -17.35 4.08 -18.68
C VAL A 582 -16.70 2.74 -18.42
N SER A 583 -17.33 1.66 -18.88
N SER A 583 -17.31 1.66 -18.89
CA SER A 583 -16.94 0.31 -18.50
CA SER A 583 -16.82 0.35 -18.51
C SER A 583 -16.80 -0.61 -19.70
C SER A 583 -16.80 -0.62 -19.67
N LYS A 584 -15.85 -1.54 -19.63
CA LYS A 584 -15.74 -2.58 -20.62
C LYS A 584 -16.89 -3.57 -20.46
N ILE A 585 -17.43 -4.03 -21.58
CA ILE A 585 -18.34 -5.15 -21.49
C ILE A 585 -17.54 -6.39 -21.85
N ALA B 3 -28.59 -23.02 -4.49
CA ALA B 3 -28.63 -24.06 -3.47
C ALA B 3 -29.82 -23.82 -2.53
N ASP B 4 -30.51 -24.89 -2.16
CA ASP B 4 -31.57 -24.79 -1.16
C ASP B 4 -31.02 -24.32 0.18
N GLY B 5 -31.69 -23.35 0.80
CA GLY B 5 -31.27 -22.91 2.12
C GLY B 5 -31.79 -21.53 2.47
N PRO B 6 -31.49 -21.06 3.68
CA PRO B 6 -32.00 -19.80 4.19
C PRO B 6 -31.31 -18.56 3.60
N TYR B 7 -30.20 -18.73 2.89
CA TYR B 7 -29.48 -17.56 2.39
C TYR B 7 -29.93 -17.14 1.00
N GLU B 8 -30.16 -15.84 0.86
CA GLU B 8 -30.41 -15.23 -0.43
C GLU B 8 -29.23 -14.33 -0.74
N ALA B 9 -29.12 -13.92 -2.01
CA ALA B 9 -27.97 -13.18 -2.49
C ALA B 9 -28.11 -11.70 -2.18
N THR B 10 -28.08 -11.37 -0.89
CA THR B 10 -28.10 -10.01 -0.41
C THR B 10 -27.11 -9.87 0.75
N TRP B 11 -26.63 -8.66 1.03
CA TRP B 11 -25.74 -8.48 2.18
C TRP B 11 -26.45 -8.78 3.48
N GLU B 12 -27.69 -8.34 3.59
CA GLU B 12 -28.43 -8.56 4.84
C GLU B 12 -28.61 -10.05 5.16
N SER B 13 -28.90 -10.84 4.14
CA SER B 13 -29.11 -12.29 4.32
C SER B 13 -27.80 -12.98 4.68
N THR B 14 -26.75 -12.70 3.92
CA THR B 14 -25.47 -13.40 4.12
C THR B 14 -24.76 -12.91 5.38
N ASP B 15 -25.09 -11.72 5.87
CA ASP B 15 -24.48 -11.18 7.09
C ASP B 15 -24.67 -12.14 8.27
N LYS B 16 -25.75 -12.90 8.26
CA LYS B 16 -26.13 -13.73 9.39
C LYS B 16 -25.25 -14.97 9.53
N HIS B 17 -24.50 -15.30 8.47
CA HIS B 17 -23.55 -16.41 8.57
C HIS B 17 -22.47 -16.13 9.61
N ASN B 18 -22.13 -17.16 10.39
CA ASN B 18 -21.13 -17.05 11.46
C ASN B 18 -19.75 -17.08 10.82
N ALA B 19 -19.06 -15.95 10.82
CA ALA B 19 -17.86 -15.81 9.99
C ALA B 19 -16.74 -16.75 10.40
N ALA B 20 -16.53 -16.87 11.70
CA ALA B 20 -15.39 -17.61 12.24
C ALA B 20 -15.91 -18.55 13.30
N PRO B 21 -16.23 -19.78 12.93
CA PRO B 21 -16.81 -20.73 13.89
C PRO B 21 -15.78 -21.23 14.90
N GLU B 22 -16.23 -21.87 15.99
CA GLU B 22 -15.31 -22.27 17.05
C GLU B 22 -14.19 -23.19 16.58
N TRP B 23 -14.47 -24.15 15.69
CA TRP B 23 -13.40 -25.07 15.28
C TRP B 23 -12.29 -24.27 14.60
N TYR B 24 -12.68 -23.22 13.88
CA TYR B 24 -11.72 -22.42 13.13
C TYR B 24 -10.90 -21.55 14.08
N ARG B 25 -11.54 -20.94 15.08
CA ARG B 25 -10.79 -20.18 16.08
C ARG B 25 -9.88 -21.09 16.91
N ASP B 26 -10.28 -22.36 17.08
CA ASP B 26 -9.46 -23.33 17.82
C ASP B 26 -8.24 -23.78 17.04
N ALA B 27 -8.32 -23.73 15.71
CA ALA B 27 -7.37 -24.41 14.85
C ALA B 27 -6.00 -23.76 14.80
N LYS B 28 -5.97 -22.42 14.74
CA LYS B 28 -4.77 -21.56 14.79
C LYS B 28 -3.82 -21.65 13.62
N PHE B 29 -3.51 -22.83 13.12
CA PHE B 29 -2.42 -23.00 12.15
C PHE B 29 -2.89 -23.91 11.02
N GLY B 30 -2.71 -23.47 9.78
CA GLY B 30 -2.98 -24.27 8.61
C GLY B 30 -1.93 -24.08 7.55
N VAL B 31 -1.96 -24.93 6.53
CA VAL B 31 -0.98 -24.90 5.45
C VAL B 31 -1.66 -25.04 4.10
N TYR B 32 -1.24 -24.23 3.14
CA TYR B 32 -1.68 -24.43 1.76
C TYR B 32 -0.50 -24.32 0.84
N TRP B 33 -0.73 -24.53 -0.45
CA TRP B 33 0.40 -24.56 -1.40
C TRP B 33 0.04 -24.02 -2.76
N HIS B 34 0.85 -23.04 -3.17
CA HIS B 34 0.81 -22.54 -4.54
C HIS B 34 1.61 -23.46 -5.45
N TRP B 35 0.94 -24.44 -6.04
CA TRP B 35 1.55 -25.38 -6.96
C TRP B 35 0.64 -25.55 -8.16
N GLY B 36 1.14 -25.28 -9.36
CA GLY B 36 0.32 -25.43 -10.54
C GLY B 36 1.13 -25.17 -11.79
N ALA B 37 0.45 -24.87 -12.89
CA ALA B 37 1.14 -24.64 -14.15
C ALA B 37 2.01 -23.40 -14.05
N PHE B 38 1.69 -22.47 -13.16
CA PHE B 38 2.51 -21.27 -12.98
C PHE B 38 3.88 -21.61 -12.38
N THR B 39 4.02 -22.81 -11.81
CA THR B 39 5.27 -23.26 -11.23
C THR B 39 6.22 -23.82 -12.29
N THR B 40 5.69 -24.18 -13.46
CA THR B 40 6.47 -24.90 -14.46
C THR B 40 7.80 -24.25 -14.80
N ALA B 41 7.79 -22.93 -15.01
CA ALA B 41 9.00 -22.20 -15.36
C ALA B 41 10.00 -22.11 -14.20
N GLN B 42 9.52 -22.29 -12.98
CA GLN B 42 10.34 -22.19 -11.80
C GLN B 42 11.21 -20.93 -11.82
N TYR B 43 10.57 -19.82 -12.19
CA TYR B 43 11.31 -18.58 -12.39
C TYR B 43 10.52 -17.41 -11.85
N ALA B 44 11.22 -16.54 -11.13
CA ALA B 44 10.73 -15.25 -10.60
C ALA B 44 9.68 -15.43 -9.50
N SER B 45 8.46 -15.81 -9.86
CA SER B 45 7.41 -16.04 -8.86
C SER B 45 6.20 -16.65 -9.53
N GLU B 46 5.13 -16.81 -8.75
CA GLU B 46 3.87 -17.28 -9.28
C GLU B 46 3.22 -16.32 -10.23
N TRP B 47 3.71 -15.07 -10.28
CA TRP B 47 3.27 -14.14 -11.32
C TRP B 47 3.94 -14.33 -12.67
N TYR B 48 4.77 -15.36 -12.82
CA TYR B 48 5.42 -15.59 -14.13
C TYR B 48 4.46 -15.58 -15.33
N PRO B 49 3.26 -16.22 -15.24
CA PRO B 49 2.36 -16.17 -16.40
C PRO B 49 1.98 -14.78 -16.85
N ARG B 50 1.93 -13.86 -15.90
CA ARG B 50 1.70 -12.45 -16.21
C ARG B 50 2.94 -11.76 -16.76
N ASN B 51 4.04 -11.88 -16.05
CA ASN B 51 5.22 -11.08 -16.38
C ASN B 51 5.99 -11.59 -17.58
N MET B 52 5.79 -12.84 -17.98
CA MET B 52 6.45 -13.35 -19.18
C MET B 52 6.04 -12.52 -20.41
N TYR B 53 4.89 -11.87 -20.37
CA TYR B 53 4.39 -11.04 -21.46
C TYR B 53 4.73 -9.57 -21.30
N GLU B 54 5.11 -9.16 -20.09
CA GLU B 54 5.32 -7.74 -19.81
C GLU B 54 6.41 -7.15 -20.71
N PRO B 55 6.17 -5.96 -21.31
CA PRO B 55 7.22 -5.32 -22.10
C PRO B 55 8.49 -5.09 -21.28
N ASP B 56 9.63 -5.43 -21.85
CA ASP B 56 10.94 -5.20 -21.24
C ASP B 56 11.19 -5.81 -19.86
N SER B 57 10.43 -6.82 -19.47
CA SER B 57 10.66 -7.41 -18.14
C SER B 57 11.76 -8.47 -18.17
N ASP B 58 12.35 -8.69 -17.01
CA ASP B 58 13.29 -9.79 -16.86
C ASP B 58 12.63 -11.13 -17.18
N GLN B 59 11.36 -11.30 -16.81
CA GLN B 59 10.67 -12.56 -17.09
C GLN B 59 10.46 -12.77 -18.59
N ARG B 60 10.14 -11.70 -19.31
CA ARG B 60 10.03 -11.79 -20.76
C ARG B 60 11.38 -12.17 -21.36
N LYS B 61 12.47 -11.56 -20.88
CA LYS B 61 13.77 -11.92 -21.43
C LYS B 61 14.10 -13.39 -21.14
N HIS B 62 13.84 -13.82 -19.92
CA HIS B 62 14.06 -15.22 -19.60
C HIS B 62 13.23 -16.12 -20.50
N HIS B 63 11.96 -15.77 -20.66
CA HIS B 63 11.06 -16.57 -21.45
C HIS B 63 11.56 -16.67 -22.89
N THR B 64 12.00 -15.53 -23.42
CA THR B 64 12.38 -15.44 -24.82
C THR B 64 13.64 -16.27 -25.09
N GLU B 65 14.57 -16.31 -24.15
CA GLU B 65 15.76 -17.09 -24.41
C GLU B 65 15.60 -18.56 -24.08
N THR B 66 14.63 -18.88 -23.21
CA THR B 66 14.46 -20.27 -22.76
C THR B 66 13.48 -21.03 -23.65
N TYR B 67 12.39 -20.36 -24.01
CA TYR B 67 11.28 -20.99 -24.70
C TYR B 67 11.01 -20.40 -26.08
N GLY B 68 11.03 -19.08 -26.15
CA GLY B 68 10.73 -18.37 -27.38
C GLY B 68 10.01 -17.09 -27.04
N PRO B 69 9.89 -16.17 -28.02
CA PRO B 69 9.15 -14.95 -27.69
C PRO B 69 7.76 -15.34 -27.20
N PRO B 70 7.27 -14.64 -26.18
N PRO B 70 7.24 -14.62 -26.19
CA PRO B 70 5.96 -14.95 -25.58
CA PRO B 70 5.95 -15.03 -25.61
C PRO B 70 4.81 -14.90 -26.59
C PRO B 70 4.79 -14.91 -26.58
N GLU B 71 4.94 -14.10 -27.63
CA GLU B 71 3.92 -14.02 -28.67
C GLU B 71 3.83 -15.31 -29.50
N GLU B 72 4.93 -16.07 -29.51
CA GLU B 72 4.99 -17.32 -30.23
C GLU B 72 4.85 -18.54 -29.31
N TRP B 73 5.43 -18.46 -28.12
CA TRP B 73 5.42 -19.56 -27.15
C TRP B 73 4.65 -19.02 -25.96
N GLY B 74 3.33 -19.08 -26.06
CA GLY B 74 2.44 -18.48 -25.07
C GLY B 74 2.37 -19.28 -23.78
N TYR B 75 1.77 -18.65 -22.78
CA TYR B 75 1.61 -19.29 -21.49
C TYR B 75 0.86 -20.61 -21.62
N GLU B 76 -0.09 -20.67 -22.55
CA GLU B 76 -0.83 -21.91 -22.77
C GLU B 76 0.06 -23.10 -23.08
N ASN B 77 1.26 -22.87 -23.59
CA ASN B 77 2.14 -23.99 -23.92
C ASN B 77 2.62 -24.72 -22.67
N PHE B 78 2.66 -24.06 -21.52
CA PHE B 78 3.01 -24.78 -20.31
C PHE B 78 1.94 -25.80 -19.94
N ILE B 79 0.69 -25.50 -20.33
CA ILE B 79 -0.42 -26.40 -20.03
C ILE B 79 -0.54 -27.48 -21.12
N LYS B 80 -0.44 -27.09 -22.39
CA LYS B 80 -0.66 -28.03 -23.51
C LYS B 80 0.59 -28.83 -23.83
N GLY B 81 1.74 -28.32 -23.42
CA GLY B 81 3.02 -28.95 -23.65
C GLY B 81 3.65 -28.43 -24.94
N ALA B 82 4.96 -28.18 -24.90
CA ALA B 82 5.70 -27.76 -26.10
C ALA B 82 7.17 -27.89 -25.82
N LYS B 83 8.01 -27.86 -26.85
CA LYS B 83 9.43 -28.02 -26.59
C LYS B 83 10.12 -26.66 -26.49
N ASP B 84 11.15 -26.59 -25.65
CA ASP B 84 11.82 -25.30 -25.43
C ASP B 84 12.94 -25.10 -26.46
N LYS B 85 13.72 -24.03 -26.33
CA LYS B 85 14.70 -23.72 -27.39
C LYS B 85 15.82 -24.78 -27.51
N LYS B 86 16.05 -25.54 -26.44
CA LYS B 86 17.05 -26.60 -26.45
C LYS B 86 16.43 -27.97 -26.73
N GLY B 87 15.13 -27.98 -27.03
CA GLY B 87 14.48 -29.21 -27.47
C GLY B 87 13.84 -30.05 -26.38
N ASN B 88 13.92 -29.58 -25.13
CA ASN B 88 13.32 -30.27 -23.99
C ASN B 88 11.81 -30.13 -24.00
N PHE B 89 11.12 -31.20 -23.71
CA PHE B 89 9.67 -31.13 -23.58
C PHE B 89 9.33 -30.44 -22.28
N VAL B 90 8.45 -29.44 -22.37
CA VAL B 90 8.06 -28.65 -21.21
C VAL B 90 6.56 -28.71 -21.03
N GLN B 91 6.12 -29.11 -19.83
CA GLN B 91 4.70 -29.15 -19.54
C GLN B 91 4.49 -29.29 -18.06
N PHE B 92 3.41 -28.69 -17.55
CA PHE B 92 2.99 -29.02 -16.21
C PHE B 92 2.40 -30.43 -16.27
N LYS B 93 3.17 -31.39 -15.79
CA LYS B 93 2.80 -32.81 -15.96
C LYS B 93 3.40 -33.62 -14.84
N PRO B 94 2.92 -33.38 -13.63
CA PRO B 94 3.48 -34.12 -12.49
C PRO B 94 3.19 -35.60 -12.66
N VAL B 95 4.21 -36.41 -12.39
CA VAL B 95 4.10 -37.86 -12.52
C VAL B 95 4.10 -38.46 -11.12
N LEU B 96 2.98 -39.08 -10.76
CA LEU B 96 2.83 -39.71 -9.45
C LEU B 96 3.94 -40.71 -9.15
N LYS B 97 4.36 -40.75 -7.90
CA LYS B 97 5.25 -41.79 -7.41
C LYS B 97 4.70 -43.19 -7.80
N SER B 98 3.39 -43.35 -7.74
CA SER B 98 2.78 -44.64 -8.06
C SER B 98 2.80 -44.94 -9.56
N LYS B 99 3.27 -44.00 -10.38
CA LYS B 99 3.51 -44.23 -11.79
C LYS B 99 5.00 -44.19 -12.12
N GLY B 100 5.85 -44.19 -11.09
CA GLY B 100 7.27 -44.15 -11.32
C GLY B 100 7.89 -42.77 -11.23
N GLY B 101 7.09 -41.74 -10.92
CA GLY B 101 7.58 -40.36 -10.89
C GLY B 101 7.97 -39.92 -9.51
N GLU B 102 8.11 -38.60 -9.34
CA GLU B 102 8.54 -38.06 -8.06
C GLU B 102 7.44 -37.33 -7.30
N PHE B 103 6.28 -37.17 -7.92
CA PHE B 103 5.16 -36.49 -7.24
C PHE B 103 4.49 -37.39 -6.21
N ASP B 104 4.66 -37.08 -4.94
CA ASP B 104 4.15 -37.92 -3.85
C ASP B 104 3.21 -37.09 -2.96
N PRO B 105 1.96 -36.94 -3.38
CA PRO B 105 1.09 -36.06 -2.58
C PRO B 105 0.82 -36.61 -1.20
N GLU B 106 0.78 -37.94 -1.05
CA GLU B 106 0.53 -38.49 0.27
C GLU B 106 1.65 -38.13 1.23
N ALA B 107 2.89 -38.20 0.76
CA ALA B 107 4.04 -37.81 1.56
C ALA B 107 3.95 -36.35 2.02
N ILE B 108 3.55 -35.47 1.10
CA ILE B 108 3.41 -34.07 1.42
C ILE B 108 2.33 -33.88 2.50
N ILE B 109 1.20 -34.56 2.33
CA ILE B 109 0.12 -34.40 3.32
C ILE B 109 0.55 -34.95 4.70
N LYS B 110 1.33 -36.04 4.73
CA LYS B 110 1.83 -36.51 6.02
C LYS B 110 2.74 -35.48 6.68
N ILE B 111 3.56 -34.81 5.89
CA ILE B 111 4.46 -33.77 6.41
C ILE B 111 3.65 -32.59 6.95
N VAL B 112 2.62 -32.22 6.19
CA VAL B 112 1.73 -31.17 6.62
C VAL B 112 0.98 -31.54 7.93
N LYS B 113 0.49 -32.78 8.01
N LYS B 113 0.48 -32.77 8.02
CA LYS B 113 -0.14 -33.22 9.25
CA LYS B 113 -0.14 -33.18 9.27
C LYS B 113 0.86 -33.13 10.41
C LYS B 113 0.86 -33.13 10.42
N GLY B 114 2.09 -33.56 10.16
CA GLY B 114 3.11 -33.56 11.19
C GLY B 114 3.52 -32.17 11.66
N SER B 115 3.23 -31.16 10.84
CA SER B 115 3.59 -29.78 11.20
C SER B 115 2.65 -29.19 12.23
N GLY B 116 1.56 -29.89 12.51
CA GLY B 116 0.57 -29.37 13.43
C GLY B 116 -0.59 -28.62 12.78
N ALA B 117 -0.61 -28.60 11.46
CA ALA B 117 -1.70 -27.95 10.73
C ALA B 117 -3.03 -28.60 11.06
N ARG B 118 -4.04 -27.79 11.33
N ARG B 118 -4.03 -27.77 11.32
CA ARG B 118 -5.38 -28.32 11.55
CA ARG B 118 -5.38 -28.25 11.58
C ARG B 118 -6.32 -28.02 10.38
C ARG B 118 -6.24 -28.14 10.32
N PHE B 119 -5.84 -27.28 9.38
CA PHE B 119 -6.53 -27.16 8.10
C PHE B 119 -5.47 -27.10 7.02
N ALA B 120 -5.79 -27.63 5.84
CA ALA B 120 -4.80 -27.69 4.78
C ALA B 120 -5.45 -27.86 3.44
N GLY B 121 -4.74 -27.51 2.37
CA GLY B 121 -5.27 -27.78 1.05
C GLY B 121 -4.54 -27.01 -0.02
N PRO B 122 -4.93 -27.26 -1.27
CA PRO B 122 -4.26 -26.65 -2.42
C PRO B 122 -4.80 -25.30 -2.79
N VAL B 123 -3.97 -24.52 -3.48
CA VAL B 123 -4.50 -23.56 -4.43
C VAL B 123 -5.19 -24.39 -5.52
N ALA B 124 -6.51 -24.19 -5.69
CA ALA B 124 -7.25 -24.93 -6.74
C ALA B 124 -7.26 -24.21 -8.08
N GLU B 125 -7.18 -22.89 -8.02
CA GLU B 125 -7.05 -22.08 -9.24
C GLU B 125 -6.45 -20.77 -8.82
N HIS B 126 -5.33 -20.42 -9.47
CA HIS B 126 -4.66 -19.16 -9.19
C HIS B 126 -5.19 -18.08 -10.15
N HIS B 127 -4.35 -17.12 -10.57
CA HIS B 127 -4.82 -16.07 -11.47
C HIS B 127 -4.72 -16.49 -12.96
N ASP B 128 -4.08 -17.63 -13.20
CA ASP B 128 -3.60 -18.02 -14.51
C ASP B 128 -4.60 -18.81 -15.35
N GLY B 129 -5.85 -18.90 -14.90
CA GLY B 129 -6.92 -19.46 -15.72
C GLY B 129 -7.01 -20.97 -15.74
N PHE B 130 -6.20 -21.66 -14.95
CA PHE B 130 -6.08 -23.12 -15.00
C PHE B 130 -6.76 -23.71 -13.76
N SER B 131 -7.91 -24.36 -13.95
CA SER B 131 -8.63 -24.95 -12.81
C SER B 131 -8.07 -26.33 -12.52
N MET B 132 -7.68 -26.64 -11.29
CA MET B 132 -6.96 -27.91 -11.08
C MET B 132 -7.84 -29.06 -10.57
N TRP B 133 -9.15 -28.95 -10.78
CA TRP B 133 -10.07 -30.08 -10.61
C TRP B 133 -10.62 -30.51 -11.98
N ASP B 134 -11.38 -31.61 -12.00
CA ASP B 134 -12.04 -32.05 -13.22
C ASP B 134 -13.23 -31.13 -13.50
N SER B 135 -12.98 -30.12 -14.34
CA SER B 135 -13.92 -29.03 -14.52
C SER B 135 -14.67 -29.14 -15.84
N LYS B 136 -15.98 -28.99 -15.80
CA LYS B 136 -16.78 -28.87 -17.01
C LYS B 136 -16.84 -27.43 -17.46
N VAL B 137 -16.87 -26.48 -16.54
CA VAL B 137 -16.98 -25.08 -17.00
C VAL B 137 -15.68 -24.50 -17.52
N ASN B 138 -14.56 -25.15 -17.20
CA ASN B 138 -13.25 -24.70 -17.69
C ASN B 138 -12.43 -25.88 -18.21
N GLU B 139 -12.31 -25.95 -19.54
CA GLU B 139 -11.51 -26.99 -20.17
C GLU B 139 -10.02 -26.91 -19.86
N TRP B 140 -9.55 -25.76 -19.36
CA TRP B 140 -8.15 -25.64 -18.99
C TRP B 140 -7.94 -26.23 -17.62
N ASN B 141 -7.68 -27.54 -17.59
CA ASN B 141 -7.60 -28.26 -16.34
C ASN B 141 -6.71 -29.49 -16.54
N PRO B 142 -6.22 -30.08 -15.45
CA PRO B 142 -5.21 -31.13 -15.53
C PRO B 142 -5.79 -32.52 -15.79
N VAL B 143 -7.10 -32.62 -15.96
CA VAL B 143 -7.71 -33.86 -16.44
C VAL B 143 -7.66 -33.87 -17.97
N ASN B 144 -7.94 -32.74 -18.60
CA ASN B 144 -7.86 -32.64 -20.05
C ASN B 144 -6.42 -32.57 -20.56
N TYR B 145 -5.55 -31.93 -19.80
CA TYR B 145 -4.18 -31.66 -20.20
C TYR B 145 -3.21 -32.23 -19.20
N GLY B 146 -1.98 -32.46 -19.62
CA GLY B 146 -0.89 -32.68 -18.68
C GLY B 146 -0.97 -34.03 -17.99
N PRO B 147 -1.11 -34.01 -16.67
CA PRO B 147 -1.07 -35.29 -15.95
C PRO B 147 -2.34 -36.17 -16.12
N LYS B 148 -3.43 -35.64 -16.68
CA LYS B 148 -4.67 -36.41 -16.83
C LYS B 148 -5.11 -36.92 -15.46
N LEU B 149 -5.21 -36.01 -14.50
CA LEU B 149 -5.36 -36.33 -13.09
C LEU B 149 -6.09 -35.18 -12.41
N ASP B 150 -7.13 -35.49 -11.64
CA ASP B 150 -7.85 -34.48 -10.90
C ASP B 150 -7.07 -34.15 -9.62
N LEU B 151 -6.20 -33.14 -9.71
CA LEU B 151 -5.28 -32.87 -8.64
C LEU B 151 -6.00 -32.43 -7.39
N VAL B 152 -6.97 -31.53 -7.55
CA VAL B 152 -7.65 -30.97 -6.39
C VAL B 152 -8.44 -32.06 -5.63
N LYS B 153 -9.06 -33.00 -6.36
CA LYS B 153 -9.76 -34.11 -5.68
C LYS B 153 -8.77 -34.98 -4.92
N LEU B 154 -7.61 -35.24 -5.53
CA LEU B 154 -6.59 -36.05 -4.91
C LEU B 154 -6.11 -35.41 -3.62
N TRP B 155 -5.80 -34.11 -3.66
CA TRP B 155 -5.42 -33.41 -2.45
C TRP B 155 -6.52 -33.45 -1.39
N ALA B 156 -7.75 -33.16 -1.82
CA ALA B 156 -8.86 -33.12 -0.86
C ALA B 156 -9.05 -34.48 -0.18
N ASP B 157 -8.99 -35.58 -0.95
CA ASP B 157 -9.16 -36.91 -0.36
C ASP B 157 -8.07 -37.17 0.65
N LEU B 158 -6.84 -36.79 0.34
CA LEU B 158 -5.75 -37.01 1.27
C LEU B 158 -5.86 -36.16 2.51
N VAL B 159 -6.26 -34.90 2.38
CA VAL B 159 -6.43 -34.06 3.56
C VAL B 159 -7.48 -34.66 4.51
N ARG B 160 -8.58 -35.14 3.94
CA ARG B 160 -9.63 -35.74 4.76
C ARG B 160 -9.15 -37.03 5.41
N GLU B 161 -8.43 -37.86 4.65
N GLU B 161 -8.41 -37.85 4.66
CA GLU B 161 -7.90 -39.12 5.16
CA GLU B 161 -7.91 -39.13 5.20
C GLU B 161 -7.03 -38.87 6.38
C GLU B 161 -6.89 -38.95 6.30
N ASN B 162 -6.34 -37.74 6.39
CA ASN B 162 -5.41 -37.41 7.46
C ASN B 162 -5.96 -36.46 8.53
N ASP B 163 -7.29 -36.40 8.58
CA ASP B 163 -8.03 -35.73 9.66
CA ASP B 163 -8.03 -35.73 9.65
C ASP B 163 -7.62 -34.28 9.84
N MET B 164 -7.63 -33.55 8.73
CA MET B 164 -7.51 -32.10 8.78
C MET B 164 -8.72 -31.53 8.08
N LYS B 165 -9.11 -30.33 8.46
CA LYS B 165 -10.12 -29.57 7.72
C LYS B 165 -9.53 -29.13 6.37
N LEU B 166 -10.38 -28.98 5.35
CA LEU B 166 -9.93 -28.70 3.99
C LEU B 166 -10.11 -27.22 3.66
N VAL B 167 -9.00 -26.56 3.34
CA VAL B 167 -9.07 -25.22 2.74
C VAL B 167 -8.75 -25.32 1.27
N ILE B 168 -9.54 -24.60 0.46
CA ILE B 168 -9.26 -24.44 -0.96
C ILE B 168 -9.03 -22.98 -1.24
N ALA B 169 -7.92 -22.66 -1.90
CA ALA B 169 -7.63 -21.27 -2.26
C ALA B 169 -7.97 -21.02 -3.72
N MET B 170 -8.67 -19.90 -3.93
CA MET B 170 -9.20 -19.48 -5.24
C MET B 170 -8.75 -18.06 -5.51
N HIS B 171 -8.16 -17.85 -6.68
CA HIS B 171 -7.59 -16.55 -7.01
C HIS B 171 -8.07 -16.15 -8.42
N GLN B 172 -9.27 -16.56 -8.80
CA GLN B 172 -9.66 -16.48 -10.22
C GLN B 172 -10.29 -15.13 -10.62
N ALA B 173 -10.37 -14.18 -9.69
CA ALA B 173 -10.91 -12.85 -10.05
C ALA B 173 -9.88 -12.04 -10.84
N TYR B 174 -8.61 -12.08 -10.47
CA TYR B 174 -7.65 -11.20 -11.13
C TYR B 174 -7.37 -11.69 -12.55
N ASN B 175 -7.68 -12.95 -12.82
CA ASN B 175 -7.56 -13.50 -14.15
C ASN B 175 -8.13 -12.62 -15.25
N TYR B 176 -9.29 -12.00 -15.02
CA TYR B 176 -9.89 -11.15 -16.04
C TYR B 176 -9.93 -9.68 -15.62
N ASN B 177 -9.17 -9.36 -14.58
CA ASN B 177 -9.08 -7.98 -14.13
C ASN B 177 -7.67 -7.42 -14.27
N GLY B 178 -6.89 -8.06 -15.14
CA GLY B 178 -5.63 -7.49 -15.55
C GLY B 178 -4.43 -8.39 -15.48
N PHE B 179 -4.54 -9.53 -14.79
CA PHE B 179 -3.38 -10.41 -14.72
C PHE B 179 -2.70 -10.65 -16.05
N PHE B 180 -3.50 -10.95 -17.09
CA PHE B 180 -2.99 -11.25 -18.41
C PHE B 180 -3.08 -10.05 -19.35
N GLN B 181 -2.95 -8.86 -18.80
CA GLN B 181 -3.14 -7.65 -19.61
C GLN B 181 -2.14 -7.54 -20.76
N TRP B 182 -0.96 -8.15 -20.64
CA TRP B 182 0.05 -8.04 -21.69
C TRP B 182 0.06 -9.22 -22.68
N ALA B 183 -0.80 -10.21 -22.47
CA ALA B 183 -0.92 -11.31 -23.43
C ALA B 183 -1.55 -10.81 -24.72
N PRO B 184 -1.14 -11.40 -25.86
CA PRO B 184 -1.80 -11.01 -27.12
C PRO B 184 -3.29 -11.24 -27.11
N LYS B 185 -4.04 -10.36 -27.74
CA LYS B 185 -5.45 -10.61 -28.00
C LYS B 185 -5.57 -11.82 -28.92
N THR B 186 -6.51 -12.68 -28.62
CA THR B 186 -6.72 -13.86 -29.44
C THR B 186 -8.18 -13.96 -29.82
N ASN B 187 -8.44 -14.47 -31.02
N ASN B 187 -8.46 -14.47 -31.02
CA ASN B 187 -9.80 -14.74 -31.44
CA ASN B 187 -9.84 -14.76 -31.40
C ASN B 187 -10.23 -16.17 -31.08
C ASN B 187 -10.15 -16.24 -31.28
N ASP B 188 -9.29 -16.97 -30.57
CA ASP B 188 -9.53 -18.36 -30.21
C ASP B 188 -10.37 -18.39 -28.93
N THR B 189 -11.61 -18.84 -29.04
CA THR B 189 -12.56 -18.71 -27.94
C THR B 189 -12.09 -19.45 -26.70
N SER B 190 -11.52 -20.65 -26.89
CA SER B 190 -11.01 -21.39 -25.73
C SER B 190 -9.85 -20.64 -25.08
N LEU B 191 -8.90 -20.15 -25.87
CA LEU B 191 -7.77 -19.41 -25.32
C LEU B 191 -8.23 -18.13 -24.63
N GLN B 192 -9.29 -17.51 -25.13
CA GLN B 192 -9.85 -16.35 -24.45
C GLN B 192 -10.24 -16.68 -23.00
N LYS B 193 -10.74 -17.89 -22.78
CA LYS B 193 -11.13 -18.27 -21.44
C LYS B 193 -9.93 -18.40 -20.50
N LEU B 194 -8.84 -18.97 -20.98
CA LEU B 194 -7.62 -19.05 -20.19
C LEU B 194 -7.10 -17.67 -19.82
N LEU B 195 -7.10 -16.76 -20.79
CA LEU B 195 -6.41 -15.49 -20.68
C LEU B 195 -7.32 -14.35 -20.23
N GLY B 196 -8.53 -14.67 -19.78
CA GLY B 196 -9.40 -13.64 -19.24
C GLY B 196 -9.87 -12.61 -20.25
N GLN B 197 -10.10 -13.07 -21.49
CA GLN B 197 -10.49 -12.16 -22.58
C GLN B 197 -11.93 -12.32 -23.01
N LEU B 198 -12.73 -13.08 -22.28
CA LEU B 198 -14.15 -13.19 -22.57
C LEU B 198 -14.87 -11.89 -22.18
N PRO B 199 -16.11 -11.69 -22.70
CA PRO B 199 -16.89 -10.54 -22.23
C PRO B 199 -16.99 -10.56 -20.71
N ARG B 200 -16.97 -9.39 -20.08
CA ARG B 200 -16.94 -9.34 -18.62
C ARG B 200 -18.14 -10.03 -18.00
N ASP B 201 -19.32 -9.95 -18.62
CA ASP B 201 -20.46 -10.62 -17.99
C ASP B 201 -20.25 -12.14 -17.98
N GLU B 202 -19.66 -12.69 -19.04
CA GLU B 202 -19.29 -14.10 -19.08
C GLU B 202 -18.18 -14.43 -18.07
N GLU B 203 -17.23 -13.52 -17.88
CA GLU B 203 -16.18 -13.74 -16.88
C GLU B 203 -16.76 -13.74 -15.48
N ASP B 204 -17.69 -12.83 -15.21
CA ASP B 204 -18.29 -12.77 -13.88
C ASP B 204 -19.07 -14.06 -13.60
N GLN B 205 -19.78 -14.54 -14.61
CA GLN B 205 -20.53 -15.79 -14.45
C GLN B 205 -19.58 -16.96 -14.20
N LEU B 206 -18.47 -16.98 -14.94
CA LEU B 206 -17.47 -18.02 -14.82
C LEU B 206 -16.78 -17.98 -13.44
N TRP B 207 -16.56 -16.79 -12.88
CA TRP B 207 -16.01 -16.69 -11.53
C TRP B 207 -16.88 -17.47 -10.54
N PHE B 208 -18.19 -17.24 -10.63
CA PHE B 208 -19.14 -17.96 -9.80
C PHE B 208 -19.17 -19.44 -10.14
N ASP B 209 -19.24 -19.75 -11.42
CA ASP B 209 -19.38 -21.15 -11.82
C ASP B 209 -18.17 -21.98 -11.37
N LYS B 210 -16.96 -21.41 -11.44
CA LYS B 210 -15.78 -22.11 -10.95
C LYS B 210 -15.90 -22.40 -9.45
N HIS B 211 -16.26 -21.41 -8.64
CA HIS B 211 -16.50 -21.62 -7.22
C HIS B 211 -17.54 -22.72 -7.01
N ARG B 212 -18.67 -22.62 -7.72
CA ARG B 212 -19.79 -23.54 -7.49
C ARG B 212 -19.38 -24.96 -7.79
N GLU B 213 -18.72 -25.15 -8.94
CA GLU B 213 -18.31 -26.47 -9.36
C GLU B 213 -17.29 -27.06 -8.38
N MET B 214 -16.30 -26.23 -8.01
CA MET B 214 -15.29 -26.70 -7.09
C MET B 214 -15.88 -27.09 -5.75
N LEU B 215 -16.76 -26.24 -5.21
CA LEU B 215 -17.17 -26.47 -3.83
C LEU B 215 -18.15 -27.64 -3.73
N ASP B 216 -18.95 -27.87 -4.75
CA ASP B 216 -19.79 -29.08 -4.77
C ASP B 216 -18.93 -30.32 -4.97
N HIS B 217 -17.78 -30.16 -5.60
CA HIS B 217 -16.91 -31.30 -5.94
C HIS B 217 -16.12 -31.80 -4.72
N VAL B 218 -15.61 -30.88 -3.90
CA VAL B 218 -14.79 -31.31 -2.77
C VAL B 218 -15.24 -30.83 -1.39
N GLN B 219 -16.35 -30.08 -1.33
CA GLN B 219 -16.97 -29.64 -0.07
C GLN B 219 -15.98 -29.03 0.93
N PRO B 220 -15.29 -27.97 0.50
CA PRO B 220 -14.30 -27.34 1.40
C PRO B 220 -14.87 -26.79 2.69
N ASP B 221 -14.09 -26.91 3.76
CA ASP B 221 -14.41 -26.27 5.02
C ASP B 221 -14.12 -24.78 5.00
N ILE B 222 -13.11 -24.38 4.23
CA ILE B 222 -12.72 -22.99 4.07
C ILE B 222 -12.54 -22.72 2.58
N ILE B 223 -13.14 -21.65 2.06
CA ILE B 223 -12.79 -21.18 0.71
C ILE B 223 -12.07 -19.85 0.87
N TRP B 224 -10.79 -19.89 0.57
CA TRP B 224 -9.92 -18.72 0.66
C TRP B 224 -10.01 -17.97 -0.67
N ASN B 225 -10.14 -16.65 -0.66
CA ASN B 225 -10.18 -15.85 -1.90
C ASN B 225 -9.10 -14.81 -1.94
N ASP B 226 -8.56 -14.59 -3.13
CA ASP B 226 -7.61 -13.51 -3.33
C ASP B 226 -8.36 -12.22 -3.70
N PHE B 227 -7.56 -11.17 -3.92
CA PHE B 227 -8.04 -9.80 -4.16
C PHE B 227 -8.73 -9.70 -5.51
N SER B 228 -9.17 -8.48 -5.83
CA SER B 228 -9.92 -8.14 -7.07
C SER B 228 -11.36 -8.63 -6.99
N LEU B 229 -11.88 -8.81 -5.78
CA LEU B 229 -13.31 -9.02 -5.58
C LEU B 229 -14.02 -7.67 -5.66
N ASP B 230 -13.49 -6.68 -4.93
CA ASP B 230 -13.83 -5.27 -5.15
C ASP B 230 -12.70 -4.48 -4.55
N SER B 231 -11.60 -4.37 -5.28
N SER B 231 -11.60 -4.41 -5.29
CA SER B 231 -10.44 -3.64 -4.78
CA SER B 231 -10.38 -3.71 -4.87
C SER B 231 -9.95 -2.63 -5.80
C SER B 231 -9.95 -2.65 -5.87
N PRO B 232 -10.75 -1.59 -6.03
CA PRO B 232 -10.39 -0.59 -7.04
C PRO B 232 -9.03 -0.01 -6.75
N GLY B 233 -8.23 0.13 -7.80
CA GLY B 233 -6.91 0.69 -7.67
C GLY B 233 -5.80 -0.32 -7.44
N GLU B 234 -6.16 -1.60 -7.27
CA GLU B 234 -5.13 -2.61 -6.96
C GLU B 234 -4.71 -3.44 -8.16
N CYS B 235 -5.19 -3.09 -9.34
CA CYS B 235 -4.93 -3.88 -10.56
C CYS B 235 -4.02 -3.16 -11.52
N GLY B 236 -3.13 -2.33 -10.98
CA GLY B 236 -2.08 -1.73 -11.79
C GLY B 236 -2.61 -0.89 -12.94
N SER B 237 -1.97 -1.00 -14.10
CA SER B 237 -2.26 -0.12 -15.22
C SER B 237 -3.41 -0.62 -16.07
N PHE B 238 -3.97 -1.78 -15.73
CA PHE B 238 -5.11 -2.30 -16.47
C PHE B 238 -6.31 -1.40 -16.22
N GLU B 239 -7.02 -1.08 -17.29
CA GLU B 239 -8.22 -0.27 -17.19
C GLU B 239 -9.36 -1.20 -16.81
N GLY B 240 -9.83 -1.06 -15.59
CA GLY B 240 -10.90 -1.91 -15.13
C GLY B 240 -11.21 -1.66 -13.67
N PRO B 241 -12.32 -2.25 -13.19
CA PRO B 241 -12.86 -2.07 -11.84
C PRO B 241 -12.09 -2.85 -10.78
N CYS B 242 -11.27 -3.82 -11.18
CA CYS B 242 -10.53 -4.64 -10.21
C CYS B 242 -11.56 -5.28 -9.28
N ALA B 243 -12.55 -5.90 -9.90
CA ALA B 243 -13.72 -6.36 -9.18
C ALA B 243 -14.45 -7.46 -9.91
N VAL B 244 -15.24 -8.21 -9.15
CA VAL B 244 -16.22 -9.16 -9.63
C VAL B 244 -17.59 -8.51 -9.47
N ASP B 245 -18.50 -8.72 -10.43
CA ASP B 245 -19.86 -8.23 -10.26
C ASP B 245 -20.43 -8.54 -8.87
N GLU B 246 -21.03 -7.54 -8.22
CA GLU B 246 -21.57 -7.67 -6.88
C GLU B 246 -22.59 -8.79 -6.77
N GLN B 247 -23.46 -8.94 -7.75
CA GLN B 247 -24.49 -9.96 -7.69
C GLN B 247 -23.86 -11.36 -7.70
N LYS B 248 -22.79 -11.51 -8.47
CA LYS B 248 -22.12 -12.81 -8.52
C LYS B 248 -21.39 -13.09 -7.20
N ARG B 249 -20.78 -12.07 -6.59
CA ARG B 249 -20.20 -12.25 -5.24
C ARG B 249 -21.25 -12.72 -4.25
N LEU B 250 -22.40 -12.08 -4.25
CA LEU B 250 -23.47 -12.41 -3.32
C LEU B 250 -24.05 -13.79 -3.62
N GLU B 251 -24.14 -14.15 -4.90
CA GLU B 251 -24.63 -15.48 -5.25
C GLU B 251 -23.64 -16.55 -4.75
N PHE B 252 -22.35 -16.27 -4.83
CA PHE B 252 -21.37 -17.21 -4.26
C PHE B 252 -21.58 -17.39 -2.76
N LEU B 253 -21.70 -16.28 -2.03
CA LEU B 253 -21.80 -16.36 -0.59
C LEU B 253 -23.03 -17.16 -0.20
N ALA B 254 -24.17 -16.82 -0.79
CA ALA B 254 -25.40 -17.53 -0.50
C ALA B 254 -25.29 -19.00 -0.85
N TYR B 255 -24.72 -19.31 -2.02
CA TYR B 255 -24.60 -20.69 -2.43
C TYR B 255 -23.73 -21.51 -1.46
N TYR B 256 -22.58 -20.96 -1.09
CA TYR B 256 -21.65 -21.67 -0.21
C TYR B 256 -22.23 -21.81 1.20
N PHE B 257 -22.83 -20.74 1.72
CA PHE B 257 -23.38 -20.80 3.06
C PHE B 257 -24.60 -21.74 3.11
N ASN B 258 -25.37 -21.81 2.02
CA ASN B 258 -26.49 -22.75 1.94
C ASN B 258 -25.98 -24.19 1.89
N ARG B 259 -24.96 -24.44 1.08
CA ARG B 259 -24.38 -25.79 1.02
C ARG B 259 -23.82 -26.19 2.38
N GLY B 260 -23.22 -25.26 3.09
CA GLY B 260 -22.67 -25.57 4.40
C GLY B 260 -23.73 -26.12 5.32
N GLU B 261 -24.89 -25.48 5.32
CA GLU B 261 -25.99 -25.95 6.15
C GLU B 261 -26.46 -27.31 5.67
N GLU B 262 -26.59 -27.50 4.36
CA GLU B 262 -26.98 -28.80 3.83
C GLU B 262 -26.00 -29.90 4.20
N TRP B 263 -24.71 -29.57 4.22
CA TRP B 263 -23.66 -30.54 4.58
C TRP B 263 -23.59 -30.79 6.08
N GLY B 264 -24.23 -29.97 6.89
CA GLY B 264 -24.12 -30.10 8.33
C GLY B 264 -22.76 -29.67 8.85
N LYS B 265 -22.25 -28.59 8.25
N LYS B 265 -22.19 -28.64 8.20
CA LYS B 265 -20.95 -28.06 8.57
CA LYS B 265 -20.84 -28.14 8.48
C LYS B 265 -21.04 -26.59 8.95
C LYS B 265 -20.85 -26.63 8.69
N GLU B 266 -19.97 -26.11 9.56
CA GLU B 266 -19.75 -24.68 9.71
C GLU B 266 -18.61 -24.31 8.77
N VAL B 267 -18.96 -23.64 7.67
CA VAL B 267 -17.96 -23.31 6.65
C VAL B 267 -17.47 -21.88 6.82
N VAL B 268 -16.34 -21.59 6.19
CA VAL B 268 -15.65 -20.33 6.33
C VAL B 268 -15.25 -19.82 4.96
N THR B 269 -15.38 -18.52 4.71
CA THR B 269 -14.73 -17.97 3.52
C THR B 269 -13.92 -16.74 3.92
N THR B 270 -12.79 -16.59 3.27
CA THR B 270 -11.87 -15.49 3.60
C THR B 270 -11.65 -14.63 2.37
N TYR B 271 -11.19 -13.40 2.60
CA TYR B 271 -10.92 -12.49 1.51
C TYR B 271 -9.87 -11.49 2.00
N LYS B 272 -9.19 -10.80 1.10
CA LYS B 272 -8.07 -9.96 1.51
C LYS B 272 -8.53 -8.71 2.28
N HIS B 273 -7.81 -8.38 3.33
CA HIS B 273 -8.41 -7.51 4.35
C HIS B 273 -8.67 -6.10 3.82
N HIS B 274 -7.88 -5.65 2.84
CA HIS B 274 -8.09 -4.35 2.19
C HIS B 274 -9.16 -4.35 1.08
N ASP B 275 -9.49 -5.53 0.57
CA ASP B 275 -10.51 -5.71 -0.48
C ASP B 275 -11.88 -5.43 0.12
N HIS B 276 -12.78 -4.87 -0.67
CA HIS B 276 -14.13 -4.55 -0.21
C HIS B 276 -15.16 -5.54 -0.72
N GLY B 277 -14.69 -6.62 -1.34
CA GLY B 277 -15.60 -7.52 -2.05
C GLY B 277 -16.58 -8.31 -1.20
N PHE B 278 -16.16 -8.68 0.02
CA PHE B 278 -17.01 -9.34 0.98
C PHE B 278 -17.07 -8.42 2.20
N ARG B 279 -17.89 -8.79 3.18
N ARG B 279 -17.89 -8.82 3.16
CA ARG B 279 -17.96 -8.04 4.43
CA ARG B 279 -18.04 -8.11 4.43
C ARG B 279 -17.54 -8.89 5.61
C ARG B 279 -17.47 -8.92 5.60
N ASN B 280 -17.00 -8.22 6.63
CA ASN B 280 -16.45 -8.90 7.80
C ASN B 280 -17.52 -9.35 8.79
N THR B 281 -18.79 -9.17 8.40
CA THR B 281 -19.90 -9.79 9.11
C THR B 281 -19.98 -11.30 8.85
N SER B 282 -19.57 -11.74 7.66
CA SER B 282 -19.76 -13.13 7.30
C SER B 282 -18.52 -13.80 6.71
N ALA B 283 -17.49 -13.02 6.38
CA ALA B 283 -16.24 -13.55 5.82
C ALA B 283 -15.09 -13.09 6.71
N VAL B 284 -14.02 -13.86 6.70
CA VAL B 284 -12.88 -13.57 7.55
C VAL B 284 -11.83 -12.78 6.78
N ASP B 285 -11.40 -11.66 7.35
CA ASP B 285 -10.35 -10.82 6.77
C ASP B 285 -9.01 -11.53 6.80
N ASP B 286 -8.29 -11.50 5.67
CA ASP B 286 -6.99 -12.16 5.55
C ASP B 286 -5.91 -11.15 5.23
N TRP B 287 -4.92 -11.10 6.12
CA TRP B 287 -3.78 -10.20 5.98
C TRP B 287 -2.63 -10.91 5.28
N GLU B 288 -2.18 -10.36 4.16
CA GLU B 288 -1.19 -11.03 3.30
C GLU B 288 0.22 -10.70 3.71
N ARG B 289 1.04 -11.72 3.96
CA ARG B 289 2.46 -11.53 4.29
C ARG B 289 2.59 -10.52 5.43
N GLY B 290 1.74 -10.64 6.42
CA GLY B 290 1.84 -9.72 7.55
C GLY B 290 0.64 -9.91 8.45
N GLY B 291 0.28 -8.88 9.20
CA GLY B 291 -0.79 -8.99 10.16
C GLY B 291 -0.78 -7.70 10.94
N PRO B 292 -1.77 -7.54 11.82
CA PRO B 292 -1.85 -6.25 12.52
C PRO B 292 -0.78 -6.06 13.58
N SER B 293 -0.48 -4.79 13.89
CA SER B 293 0.42 -4.49 14.99
C SER B 293 -0.30 -4.63 16.32
N ASN B 294 -1.62 -4.57 16.28
CA ASN B 294 -2.49 -4.59 17.46
C ASN B 294 -3.39 -5.83 17.50
N LEU B 295 -4.01 -6.04 18.65
CA LEU B 295 -5.06 -7.04 18.76
C LEU B 295 -6.30 -6.55 18.00
N VAL B 296 -6.72 -7.30 16.98
CA VAL B 296 -7.83 -6.90 16.11
C VAL B 296 -9.03 -7.82 16.34
N ARG B 297 -10.21 -7.23 16.43
CA ARG B 297 -11.47 -7.96 16.48
C ARG B 297 -12.39 -7.40 15.40
N PRO B 298 -13.16 -8.26 14.71
CA PRO B 298 -13.33 -9.69 14.97
C PRO B 298 -12.16 -10.55 14.46
N TYR B 299 -12.29 -11.83 14.78
CA TYR B 299 -11.31 -12.86 14.43
C TYR B 299 -10.89 -12.75 12.97
N TRP B 300 -9.58 -12.86 12.70
CA TRP B 300 -9.00 -12.62 11.36
C TRP B 300 -7.94 -13.68 11.10
N GLN B 301 -7.32 -13.65 9.94
CA GLN B 301 -6.17 -14.54 9.74
C GLN B 301 -5.12 -13.88 8.89
N THR B 302 -3.89 -14.36 9.04
CA THR B 302 -2.76 -14.07 8.16
C THR B 302 -2.58 -15.18 7.17
N ASP B 303 -2.26 -14.88 5.91
CA ASP B 303 -1.67 -15.93 5.07
C ASP B 303 -0.27 -15.44 4.70
N ASP B 304 0.73 -16.26 5.01
CA ASP B 304 2.13 -15.89 4.76
C ASP B 304 2.77 -17.02 4.01
N ALA B 305 3.98 -16.80 3.53
CA ALA B 305 4.65 -17.76 2.67
C ALA B 305 5.97 -18.13 3.29
N ILE B 306 6.44 -19.33 3.00
CA ILE B 306 7.69 -19.84 3.56
C ILE B 306 8.91 -19.14 2.90
N SER B 307 8.70 -18.47 1.77
CA SER B 307 9.74 -17.66 1.14
C SER B 307 9.29 -16.22 1.04
N ALA B 308 10.24 -15.28 1.20
CA ALA B 308 9.97 -13.86 1.03
C ALA B 308 9.71 -13.47 -0.41
N SER B 309 10.22 -14.23 -1.38
CA SER B 309 10.25 -13.76 -2.76
C SER B 309 9.15 -14.27 -3.66
N SER B 310 8.46 -15.34 -3.25
CA SER B 310 7.54 -16.00 -4.16
C SER B 310 6.65 -16.91 -3.35
N TRP B 311 5.46 -17.18 -3.85
CA TRP B 311 4.59 -18.20 -3.27
C TRP B 311 4.84 -19.56 -3.93
N SER B 312 5.47 -19.52 -5.11
CA SER B 312 5.67 -20.71 -5.89
C SER B 312 7.17 -20.98 -6.04
N TYR B 313 7.54 -22.24 -6.14
CA TYR B 313 8.95 -22.61 -6.19
C TYR B 313 9.67 -22.01 -7.37
N THR B 314 10.83 -21.43 -7.10
CA THR B 314 11.71 -20.98 -8.17
C THR B 314 13.12 -21.49 -7.93
N VAL B 315 13.89 -21.67 -9.00
CA VAL B 315 15.26 -22.13 -8.81
C VAL B 315 16.05 -21.05 -8.04
N GLY B 316 16.64 -21.43 -6.91
CA GLY B 316 17.42 -20.50 -6.12
C GLY B 316 16.65 -19.87 -4.99
N ILE B 317 15.39 -20.29 -4.83
CA ILE B 317 14.52 -19.67 -3.82
C ILE B 317 15.10 -19.86 -2.42
N LYS B 318 14.89 -18.86 -1.57
CA LYS B 318 15.35 -18.89 -0.20
C LYS B 318 14.17 -18.85 0.75
N TYR B 319 14.37 -19.38 1.96
CA TYR B 319 13.26 -19.59 2.90
C TYR B 319 13.47 -18.84 4.20
N TYR B 320 12.36 -18.51 4.86
CA TYR B 320 12.39 -18.04 6.23
C TYR B 320 12.87 -19.15 7.18
N SER B 321 13.34 -18.74 8.35
CA SER B 321 13.71 -19.68 9.39
C SER B 321 12.51 -20.24 10.13
N SER B 322 12.70 -21.38 10.75
N SER B 322 12.69 -21.37 10.80
CA SER B 322 11.71 -21.94 11.66
CA SER B 322 11.62 -21.89 11.63
C SER B 322 11.34 -20.95 12.77
C SER B 322 11.31 -20.95 12.78
N LYS B 323 12.33 -20.27 13.31
CA LYS B 323 12.08 -19.29 14.37
C LYS B 323 11.12 -18.20 13.90
N ALA B 324 11.34 -17.67 12.70
CA ALA B 324 10.47 -16.62 12.20
C ALA B 324 9.04 -17.17 12.06
N MET B 325 8.90 -18.40 11.60
CA MET B 325 7.56 -18.96 11.41
C MET B 325 6.86 -19.20 12.75
N VAL B 326 7.56 -19.76 13.73
CA VAL B 326 6.92 -20.08 15.02
C VAL B 326 6.64 -18.78 15.81
N HIS B 327 7.59 -17.83 15.82
CA HIS B 327 7.33 -16.58 16.54
C HIS B 327 6.20 -15.81 15.87
N SER B 328 6.13 -15.84 14.53
CA SER B 328 5.04 -15.17 13.82
C SER B 328 3.70 -15.81 14.16
N LEU B 329 3.65 -17.15 14.16
CA LEU B 329 2.44 -17.83 14.59
C LEU B 329 1.99 -17.36 15.96
N LEU B 330 2.91 -17.32 16.92
CA LEU B 330 2.55 -16.88 18.26
C LEU B 330 2.05 -15.43 18.27
N ASP B 331 2.71 -14.58 17.49
CA ASP B 331 2.25 -13.19 17.40
C ASP B 331 0.82 -13.11 16.88
N ARG B 332 0.55 -13.85 15.80
N ARG B 332 0.51 -13.81 15.78
CA ARG B 332 -0.74 -13.73 15.14
CA ARG B 332 -0.84 -13.72 15.20
C ARG B 332 -1.86 -14.34 16.00
C ARG B 332 -1.86 -14.26 16.16
N VAL B 333 -1.59 -15.45 16.69
CA VAL B 333 -2.57 -16.07 17.58
C VAL B 333 -2.82 -15.17 18.82
N SER B 334 -1.78 -14.51 19.34
CA SER B 334 -1.97 -13.62 20.50
C SER B 334 -2.82 -12.40 20.14
N LYS B 335 -2.87 -12.06 18.85
CA LYS B 335 -3.60 -10.88 18.39
C LYS B 335 -4.98 -11.21 17.81
N ASN B 336 -5.46 -12.41 18.08
CA ASN B 336 -6.83 -12.86 17.77
C ASN B 336 -6.97 -13.32 16.31
N GLY B 337 -5.91 -13.90 15.77
CA GLY B 337 -5.98 -14.48 14.45
C GLY B 337 -5.50 -15.92 14.32
N ASN B 338 -5.69 -16.47 13.13
CA ASN B 338 -5.01 -17.68 12.70
C ASN B 338 -3.85 -17.36 11.75
N MET B 339 -2.95 -18.31 11.55
N MET B 339 -2.97 -18.34 11.57
CA MET B 339 -1.94 -18.14 10.50
CA MET B 339 -1.93 -18.26 10.54
C MET B 339 -1.93 -19.31 9.53
C MET B 339 -2.11 -19.37 9.53
N LEU B 340 -2.19 -18.98 8.26
CA LEU B 340 -2.17 -19.93 7.17
C LEU B 340 -0.84 -19.79 6.46
N LEU B 341 -0.02 -20.83 6.47
CA LEU B 341 1.33 -20.79 5.87
C LEU B 341 1.33 -21.47 4.50
N ASN B 342 1.82 -20.77 3.48
CA ASN B 342 2.02 -21.33 2.16
C ASN B 342 3.37 -22.01 2.01
N ILE B 343 3.33 -23.21 1.43
CA ILE B 343 4.56 -23.93 1.06
C ILE B 343 4.62 -24.09 -0.47
N SER B 344 5.77 -24.54 -0.97
CA SER B 344 6.10 -24.33 -2.37
C SER B 344 6.76 -25.55 -3.00
N PRO B 345 5.95 -26.56 -3.38
CA PRO B 345 6.52 -27.72 -4.09
C PRO B 345 7.12 -27.33 -5.44
N MET B 346 8.18 -28.03 -5.84
CA MET B 346 8.74 -27.81 -7.17
C MET B 346 7.75 -28.23 -8.25
N ALA B 347 8.02 -27.85 -9.49
CA ALA B 347 7.13 -28.17 -10.57
C ALA B 347 6.86 -29.66 -10.71
N ASN B 348 7.86 -30.48 -10.41
CA ASN B 348 7.70 -31.93 -10.51
C ASN B 348 6.91 -32.52 -9.33
N GLY B 349 6.54 -31.70 -8.34
CA GLY B 349 5.74 -32.15 -7.20
C GLY B 349 6.50 -32.51 -5.95
N VAL B 350 7.81 -32.35 -5.96
CA VAL B 350 8.66 -32.63 -4.80
C VAL B 350 8.69 -31.45 -3.85
N LEU B 351 8.54 -31.71 -2.56
CA LEU B 351 8.68 -30.65 -1.56
C LEU B 351 10.12 -30.59 -1.06
N PRO B 352 10.82 -29.46 -1.30
CA PRO B 352 12.24 -29.40 -0.92
C PRO B 352 12.50 -29.63 0.55
N GLU B 353 13.66 -30.23 0.84
CA GLU B 353 14.04 -30.62 2.19
C GLU B 353 14.03 -29.46 3.16
N GLU B 354 14.43 -28.28 2.71
N GLU B 354 14.44 -28.27 2.72
CA GLU B 354 14.49 -27.11 3.57
CA GLU B 354 14.49 -27.14 3.66
C GLU B 354 13.10 -26.73 4.09
C GLU B 354 13.09 -26.74 4.11
N GLN B 355 12.10 -26.86 3.23
CA GLN B 355 10.72 -26.59 3.63
C GLN B 355 10.21 -27.67 4.57
N ILE B 356 10.55 -28.94 4.31
CA ILE B 356 10.20 -30.03 5.21
C ILE B 356 10.77 -29.77 6.61
N LYS B 357 12.00 -29.27 6.68
CA LYS B 357 12.63 -29.01 7.97
C LYS B 357 11.86 -27.92 8.75
N VAL B 358 11.49 -26.85 8.08
CA VAL B 358 10.68 -25.83 8.72
C VAL B 358 9.35 -26.38 9.25
N LEU B 359 8.66 -27.18 8.43
CA LEU B 359 7.39 -27.75 8.84
C LEU B 359 7.59 -28.68 10.04
N ASN B 360 8.67 -29.48 10.01
CA ASN B 360 8.98 -30.36 11.13
C ASN B 360 9.22 -29.57 12.42
N ASP B 361 9.94 -28.46 12.31
CA ASP B 361 10.24 -27.64 13.48
C ASP B 361 8.97 -27.01 14.07
N ILE B 362 8.09 -26.52 13.20
CA ILE B 362 6.81 -25.99 13.64
C ILE B 362 6.04 -27.10 14.35
N GLY B 363 6.05 -28.30 13.76
CA GLY B 363 5.34 -29.43 14.36
C GLY B 363 5.90 -29.84 15.69
N ASP B 364 7.20 -29.78 15.86
CA ASP B 364 7.80 -30.10 17.16
C ASP B 364 7.31 -29.11 18.19
N PHE B 365 7.31 -27.84 17.86
CA PHE B 365 6.84 -26.82 18.76
C PHE B 365 5.36 -27.05 19.13
N LEU B 366 4.49 -27.25 18.14
CA LEU B 366 3.06 -27.39 18.43
C LEU B 366 2.73 -28.70 19.16
N SER B 367 3.48 -29.78 18.89
CA SER B 367 3.24 -31.01 19.64
C SER B 367 3.57 -30.81 21.13
N ARG B 368 4.67 -30.12 21.39
N ARG B 368 4.67 -30.12 21.41
CA ARG B 368 5.13 -29.94 22.75
CA ARG B 368 5.12 -29.95 22.78
C ARG B 368 4.35 -28.88 23.51
C ARG B 368 4.36 -28.87 23.52
N TYR B 369 4.10 -27.75 22.84
CA TYR B 369 3.59 -26.56 23.50
C TYR B 369 2.23 -26.11 22.95
N GLY B 370 1.53 -27.01 22.27
CA GLY B 370 0.27 -26.68 21.65
C GLY B 370 -0.79 -26.27 22.65
N GLU B 371 -0.64 -26.63 23.92
CA GLU B 371 -1.61 -26.20 24.94
C GLU B 371 -1.74 -24.67 24.99
N ALA B 372 -0.67 -23.96 24.65
CA ALA B 372 -0.69 -22.49 24.66
C ALA B 372 -1.26 -21.93 23.35
N VAL B 373 -1.52 -22.78 22.37
CA VAL B 373 -1.92 -22.33 21.05
C VAL B 373 -3.30 -22.85 20.70
N TYR B 374 -3.42 -24.15 20.43
CA TYR B 374 -4.69 -24.70 20.05
C TYR B 374 -5.75 -24.46 21.08
N ASP B 375 -6.96 -24.14 20.62
CA ASP B 375 -8.14 -24.06 21.50
C ASP B 375 -8.08 -22.84 22.42
N THR B 376 -7.06 -22.00 22.30
CA THR B 376 -6.98 -20.82 23.14
C THR B 376 -7.66 -19.64 22.47
N ARG B 377 -7.77 -18.54 23.22
CA ARG B 377 -8.27 -17.27 22.69
C ARG B 377 -7.33 -16.19 23.14
N ALA B 378 -7.28 -15.10 22.38
CA ALA B 378 -6.52 -13.95 22.78
C ALA B 378 -6.97 -13.42 24.14
N TRP B 379 -5.99 -12.89 24.87
CA TRP B 379 -6.26 -12.09 26.06
C TRP B 379 -6.71 -10.70 25.60
N ASP B 380 -6.68 -9.70 26.48
CA ASP B 380 -6.97 -8.35 26.00
C ASP B 380 -5.73 -7.56 25.69
N ILE B 381 -4.58 -8.09 26.06
CA ILE B 381 -3.28 -7.53 25.74
C ILE B 381 -2.48 -8.65 25.08
N TYR B 382 -1.89 -8.38 23.92
CA TYR B 382 -1.37 -9.50 23.13
C TYR B 382 0.01 -9.93 23.63
N GLY B 383 0.78 -9.02 24.21
CA GLY B 383 2.15 -9.40 24.56
C GLY B 383 2.94 -8.21 25.10
N GLU B 384 4.23 -8.44 25.36
CA GLU B 384 5.15 -7.40 25.88
C GLU B 384 6.52 -7.61 25.30
N GLY B 385 7.31 -6.55 25.24
CA GLY B 385 8.72 -6.66 24.90
C GLY B 385 9.10 -5.78 23.73
N PRO B 386 10.40 -5.75 23.42
CA PRO B 386 10.91 -4.82 22.41
C PRO B 386 10.72 -5.27 20.97
N ASN B 387 10.61 -6.58 20.71
CA ASN B 387 10.56 -7.03 19.33
C ASN B 387 9.11 -7.16 18.88
N GLN B 388 8.74 -6.36 17.89
CA GLN B 388 7.36 -6.28 17.44
C GLN B 388 7.31 -6.19 15.93
N VAL B 389 6.24 -6.71 15.33
CA VAL B 389 6.06 -6.56 13.90
C VAL B 389 5.61 -5.13 13.59
N GLU B 390 5.79 -4.72 12.35
CA GLU B 390 5.44 -3.38 11.91
C GLU B 390 3.95 -3.15 11.85
N GLY B 391 3.20 -4.19 11.47
CA GLY B 391 1.77 -4.04 11.27
C GLY B 391 1.47 -3.78 9.80
N GLY B 392 0.43 -4.43 9.31
CA GLY B 392 -0.03 -4.29 7.95
C GLY B 392 0.38 -5.50 7.13
N SER B 393 -0.17 -5.58 5.93
N SER B 393 -0.17 -5.58 5.94
CA SER B 393 0.27 -6.58 4.97
CA SER B 393 0.28 -6.56 4.96
C SER B 393 1.67 -6.23 4.49
C SER B 393 1.69 -6.23 4.49
N PHE B 394 2.37 -7.23 3.95
CA PHE B 394 3.70 -7.05 3.37
C PHE B 394 4.69 -6.49 4.36
N THR B 395 4.71 -7.09 5.55
CA THR B 395 5.69 -6.72 6.57
C THR B 395 6.47 -7.96 7.03
N ALA B 396 7.58 -7.75 7.73
CA ALA B 396 8.48 -8.84 8.05
C ALA B 396 7.92 -9.76 9.14
N PRO B 397 8.20 -11.06 9.03
CA PRO B 397 7.84 -11.97 10.13
C PRO B 397 8.52 -11.55 11.44
N LEU B 398 7.90 -11.90 12.55
CA LEU B 398 8.48 -11.66 13.87
C LEU B 398 9.65 -12.58 14.15
N GLN B 399 10.73 -12.01 14.69
CA GLN B 399 11.76 -12.80 15.31
C GLN B 399 12.04 -12.17 16.65
N GLY B 400 11.67 -12.89 17.69
CA GLY B 400 11.80 -12.39 19.04
C GLY B 400 12.86 -13.12 19.82
N ASN B 401 12.93 -12.83 21.12
CA ASN B 401 13.88 -13.49 21.97
C ASN B 401 13.38 -13.55 23.40
N SER B 402 14.25 -13.85 24.35
CA SER B 402 13.82 -13.99 25.76
C SER B 402 13.21 -12.73 26.37
N SER B 403 13.37 -11.58 25.71
CA SER B 403 12.80 -10.34 26.21
C SER B 403 11.32 -10.18 25.85
N ASP B 404 10.81 -11.10 25.01
CA ASP B 404 9.46 -10.97 24.45
C ASP B 404 8.49 -12.02 24.98
N ILE B 405 7.28 -11.60 25.32
CA ILE B 405 6.25 -12.58 25.66
C ILE B 405 5.00 -12.34 24.84
N ARG B 406 4.29 -13.44 24.58
CA ARG B 406 2.98 -13.37 23.93
C ARG B 406 1.98 -14.10 24.79
N PHE B 407 0.80 -13.52 24.93
CA PHE B 407 -0.24 -14.07 25.80
C PHE B 407 -1.33 -14.80 25.04
N THR B 408 -1.83 -15.87 25.62
CA THR B 408 -3.08 -16.50 25.17
C THR B 408 -3.80 -16.96 26.44
N ARG B 409 -5.08 -17.29 26.35
CA ARG B 409 -5.79 -17.75 27.53
C ARG B 409 -6.76 -18.85 27.15
N ASN B 410 -7.21 -19.60 28.16
CA ASN B 410 -8.17 -20.66 27.89
C ASN B 410 -9.58 -20.09 27.72
N LYS B 411 -10.49 -20.89 27.17
CA LYS B 411 -11.88 -20.44 26.99
C LYS B 411 -12.59 -20.13 28.30
N GLU B 412 -12.24 -20.85 29.35
CA GLU B 412 -12.82 -20.66 30.67
C GLU B 412 -12.35 -19.36 31.32
N ASP B 413 -11.29 -18.75 30.79
CA ASP B 413 -10.77 -17.45 31.20
C ASP B 413 -10.21 -17.49 32.62
N ASP B 414 -9.67 -18.62 33.04
CA ASP B 414 -8.97 -18.69 34.31
C ASP B 414 -7.52 -19.20 34.20
N VAL B 415 -7.06 -19.44 32.98
CA VAL B 415 -5.65 -19.79 32.74
C VAL B 415 -5.05 -18.83 31.72
N LEU B 416 -3.97 -18.17 32.11
CA LEU B 416 -3.19 -17.32 31.23
C LEU B 416 -1.91 -18.03 30.86
N TYR B 417 -1.66 -18.15 29.55
CA TYR B 417 -0.39 -18.67 29.03
C TYR B 417 0.51 -17.51 28.67
N VAL B 418 1.73 -17.56 29.18
CA VAL B 418 2.75 -16.56 28.94
C VAL B 418 3.87 -17.25 28.19
N THR B 419 3.94 -16.99 26.88
CA THR B 419 4.93 -17.67 26.05
C THR B 419 6.09 -16.74 25.80
N VAL B 420 7.28 -17.15 26.23
N VAL B 420 7.27 -17.18 26.23
CA VAL B 420 8.47 -16.32 26.11
CA VAL B 420 8.48 -16.40 26.10
C VAL B 420 9.29 -16.82 24.92
C VAL B 420 9.22 -16.84 24.85
N LEU B 421 9.75 -15.88 24.08
CA LEU B 421 10.29 -16.21 22.76
C LEU B 421 11.79 -16.53 22.77
N GLY B 422 12.30 -16.92 23.94
CA GLY B 422 13.67 -17.42 24.09
C GLY B 422 13.88 -17.76 25.55
N TRP B 423 14.99 -18.43 25.88
CA TRP B 423 15.22 -18.78 27.29
C TRP B 423 15.93 -17.63 28.01
N PRO B 424 15.28 -17.05 29.06
CA PRO B 424 15.90 -15.94 29.81
C PRO B 424 17.17 -16.38 30.56
N GLU B 425 18.31 -15.84 30.18
CA GLU B 425 19.57 -16.22 30.83
C GLU B 425 19.59 -15.81 32.29
N ASP B 426 18.84 -14.76 32.63
CA ASP B 426 18.78 -14.29 34.01
C ASP B 426 17.76 -15.07 34.81
N ASN B 427 17.19 -16.08 34.20
CA ASN B 427 16.27 -16.99 34.85
C ASN B 427 15.02 -16.31 35.38
N LEU B 428 14.66 -15.20 34.73
CA LEU B 428 13.56 -14.35 35.20
C LEU B 428 12.65 -13.97 34.04
N VAL B 429 11.35 -14.16 34.23
CA VAL B 429 10.36 -13.59 33.32
C VAL B 429 9.56 -12.55 34.10
N SER B 430 9.58 -11.32 33.61
CA SER B 430 8.83 -10.23 34.24
C SER B 430 7.63 -9.85 33.39
N VAL B 431 6.46 -10.08 33.94
CA VAL B 431 5.22 -9.74 33.26
C VAL B 431 4.70 -8.40 33.74
N LYS B 432 4.91 -7.36 32.95
CA LYS B 432 4.60 -6.01 33.37
C LYS B 432 3.10 -5.84 33.59
N ASN B 433 2.28 -6.46 32.75
CA ASN B 433 0.84 -6.31 32.93
C ASN B 433 0.23 -7.09 34.09
N LEU B 434 1.07 -7.76 34.89
CA LEU B 434 0.60 -8.37 36.12
C LEU B 434 1.30 -7.79 37.36
N GLY B 435 2.00 -6.66 37.20
CA GLY B 435 2.61 -5.99 38.35
C GLY B 435 1.59 -5.14 39.08
N SER B 436 1.98 -4.55 40.21
N SER B 436 2.01 -4.55 40.19
CA SER B 436 0.96 -3.81 40.95
CA SER B 436 1.06 -3.78 40.98
C SER B 436 0.63 -2.48 40.26
C SER B 436 0.65 -2.48 40.29
N ASN B 437 1.53 -1.92 39.46
CA ASN B 437 1.18 -0.70 38.70
C ASN B 437 0.07 -0.97 37.68
N ALA B 438 -0.11 -2.24 37.31
CA ALA B 438 -1.21 -2.64 36.43
C ALA B 438 -2.53 -2.80 37.20
N LEU B 439 -2.49 -2.49 38.50
CA LEU B 439 -3.66 -2.60 39.38
C LEU B 439 -4.19 -4.02 39.44
N VAL B 440 -3.27 -4.98 39.35
CA VAL B 440 -3.61 -6.38 39.43
C VAL B 440 -3.38 -6.94 40.85
N ASP B 441 -4.39 -7.62 41.37
CA ASP B 441 -4.32 -8.32 42.65
C ASP B 441 -4.09 -9.79 42.35
N LEU B 442 -2.99 -10.35 42.85
CA LEU B 442 -2.65 -11.73 42.55
C LEU B 442 -3.00 -12.70 43.68
N GLU B 443 -3.90 -12.29 44.56
CA GLU B 443 -4.29 -13.19 45.64
C GLU B 443 -4.85 -14.49 45.08
N SER B 444 -5.50 -14.41 43.92
CA SER B 444 -6.17 -15.57 43.37
C SER B 444 -5.28 -16.38 42.42
N LEU B 445 -4.01 -16.01 42.31
CA LEU B 445 -3.08 -16.83 41.52
C LEU B 445 -2.74 -18.12 42.27
N LYS B 446 -3.25 -19.24 41.77
CA LYS B 446 -3.13 -20.54 42.43
C LYS B 446 -1.81 -21.22 42.14
N SER B 447 -1.38 -21.16 40.90
CA SER B 447 -0.16 -21.84 40.48
C SER B 447 0.46 -21.18 39.28
N VAL B 448 1.78 -21.27 39.24
CA VAL B 448 2.57 -20.89 38.10
C VAL B 448 3.38 -22.10 37.71
N GLU B 449 3.28 -22.53 36.46
CA GLU B 449 3.92 -23.75 36.00
C GLU B 449 4.69 -23.50 34.73
N LEU B 450 5.85 -24.14 34.60
CA LEU B 450 6.57 -24.13 33.33
C LEU B 450 6.23 -25.41 32.60
N LEU B 451 5.83 -25.31 31.35
CA LEU B 451 5.56 -26.51 30.57
C LEU B 451 6.88 -27.16 30.19
N GLY B 452 6.93 -28.47 30.32
CA GLY B 452 8.18 -29.21 30.15
C GLY B 452 8.43 -29.76 28.75
N ASP B 453 9.18 -30.85 28.70
CA ASP B 453 9.66 -31.40 27.43
C ASP B 453 8.56 -31.91 26.53
N LYS B 454 7.53 -32.54 27.10
CA LYS B 454 6.45 -33.08 26.31
C LYS B 454 5.11 -32.65 26.90
N ALA B 455 4.07 -32.63 26.05
CA ALA B 455 2.75 -32.21 26.48
C ALA B 455 2.29 -32.99 27.71
N GLY B 456 1.87 -32.26 28.72
CA GLY B 456 1.41 -32.84 29.97
C GLY B 456 2.44 -32.74 31.06
N ASP B 457 3.66 -32.32 30.71
CA ASP B 457 4.70 -32.06 31.68
C ASP B 457 4.56 -30.65 32.24
N TYR B 458 4.50 -30.55 33.56
CA TYR B 458 4.51 -29.27 34.25
C TYR B 458 5.51 -29.29 35.36
N VAL B 459 6.28 -28.22 35.47
CA VAL B 459 7.12 -28.04 36.63
C VAL B 459 6.64 -26.84 37.38
N LYS B 460 6.39 -27.04 38.66
CA LYS B 460 5.97 -25.99 39.53
C LYS B 460 7.01 -24.89 39.60
N VAL B 461 6.54 -23.66 39.45
CA VAL B 461 7.36 -22.51 39.70
C VAL B 461 7.16 -22.14 41.17
N SER B 462 8.22 -22.19 41.97
CA SER B 462 8.08 -22.00 43.41
C SER B 462 8.39 -20.58 43.87
N GLU B 463 9.04 -19.81 43.03
CA GLU B 463 9.42 -18.46 43.38
C GLU B 463 8.86 -17.45 42.39
N TRP B 464 7.92 -16.64 42.87
CA TRP B 464 7.49 -15.46 42.14
C TRP B 464 7.07 -14.38 43.10
N GLU B 465 7.15 -13.15 42.66
CA GLU B 465 6.78 -12.03 43.50
C GLU B 465 6.32 -10.88 42.64
N GLN B 466 5.36 -10.12 43.16
CA GLN B 466 4.86 -8.96 42.45
C GLN B 466 5.59 -7.70 42.89
N SER B 467 6.23 -7.03 41.94
CA SER B 467 6.75 -5.69 42.15
C SER B 467 5.79 -4.67 41.54
N LYS B 468 6.06 -3.38 41.72
CA LYS B 468 5.28 -2.35 41.04
C LYS B 468 5.35 -2.54 39.54
N ASP B 469 6.55 -2.81 39.02
CA ASP B 469 6.74 -2.91 37.56
C ASP B 469 6.19 -4.18 36.93
N ALA B 470 6.18 -5.29 37.66
CA ALA B 470 5.89 -6.58 37.04
C ALA B 470 5.68 -7.71 38.03
N LEU B 471 5.03 -8.76 37.55
CA LEU B 471 5.08 -10.06 38.22
C LEU B 471 6.40 -10.70 37.81
N ASP B 472 7.28 -10.90 38.79
CA ASP B 472 8.62 -11.40 38.54
C ASP B 472 8.70 -12.87 38.85
N ILE B 473 8.85 -13.66 37.81
CA ILE B 473 8.78 -15.12 37.91
C ILE B 473 10.17 -15.73 37.76
N THR B 474 10.63 -16.40 38.80
CA THR B 474 11.93 -17.08 38.76
C THR B 474 11.76 -18.48 38.17
N LEU B 475 12.50 -18.79 37.11
CA LEU B 475 12.29 -20.02 36.40
C LEU B 475 13.00 -21.22 37.05
N PRO B 476 12.37 -22.39 36.99
CA PRO B 476 13.01 -23.65 37.36
C PRO B 476 14.00 -24.07 36.27
N SER B 477 14.49 -25.30 36.32
CA SER B 477 15.52 -25.72 35.38
C SER B 477 15.01 -25.66 33.95
N GLN B 478 15.89 -25.28 33.03
CA GLN B 478 15.51 -25.17 31.63
C GLN B 478 15.13 -26.52 31.07
N PRO B 479 13.98 -26.62 30.39
CA PRO B 479 13.66 -27.88 29.73
C PRO B 479 14.44 -28.03 28.44
N ALA B 480 14.13 -29.05 27.64
CA ALA B 480 14.84 -29.24 26.39
C ALA B 480 14.70 -28.00 25.50
N GLU B 481 15.69 -27.78 24.64
CA GLU B 481 15.73 -26.63 23.75
C GLU B 481 14.44 -26.47 22.96
N SER B 482 13.98 -25.23 22.86
N SER B 482 13.95 -25.23 22.86
CA SER B 482 12.74 -24.89 22.14
CA SER B 482 12.78 -24.94 22.03
C SER B 482 12.84 -23.48 21.59
C SER B 482 12.79 -23.48 21.61
N LEU B 483 12.08 -23.19 20.53
CA LEU B 483 12.02 -21.84 19.97
C LEU B 483 11.27 -20.86 20.85
N ALA B 484 10.44 -21.39 21.74
CA ALA B 484 9.74 -20.59 22.72
C ALA B 484 9.38 -21.49 23.89
N TYR B 485 9.13 -20.88 25.04
CA TYR B 485 8.84 -21.63 26.28
C TYR B 485 7.55 -21.10 26.88
N VAL B 486 6.79 -21.95 27.55
CA VAL B 486 5.46 -21.56 28.02
C VAL B 486 5.32 -21.64 29.54
N LEU B 487 4.90 -20.51 30.12
CA LEU B 487 4.43 -20.47 31.50
C LEU B 487 2.92 -20.52 31.54
N LYS B 488 2.36 -21.24 32.51
CA LYS B 488 0.94 -21.40 32.68
C LYS B 488 0.52 -20.87 34.04
N LEU B 489 -0.31 -19.82 34.05
CA LEU B 489 -0.73 -19.17 35.29
C LEU B 489 -2.18 -19.50 35.52
N THR B 490 -2.46 -20.25 36.59
CA THR B 490 -3.83 -20.68 36.86
C THR B 490 -4.39 -19.83 37.99
N PHE B 491 -5.54 -19.22 37.74
CA PHE B 491 -6.22 -18.38 38.72
C PHE B 491 -7.44 -19.09 39.27
N ASP B 492 -7.73 -18.83 40.54
CA ASP B 492 -8.98 -19.27 41.12
C ASP B 492 -10.02 -18.18 40.83
N GLY B 493 -10.85 -18.39 39.82
CA GLY B 493 -11.72 -17.34 39.31
C GLY B 493 -11.08 -16.76 38.07
N GLY B 494 -11.66 -15.71 37.51
CA GLY B 494 -11.11 -15.16 36.29
C GLY B 494 -9.68 -14.60 36.37
N ILE B 495 -9.02 -14.52 35.22
CA ILE B 495 -7.77 -13.79 35.10
C ILE B 495 -8.04 -12.32 35.44
N PRO B 496 -7.19 -11.70 36.27
CA PRO B 496 -7.40 -10.29 36.58
C PRO B 496 -7.36 -9.40 35.33
N VAL B 497 -8.10 -8.30 35.35
CA VAL B 497 -8.11 -7.36 34.25
C VAL B 497 -7.05 -6.32 34.49
N PRO B 498 -6.00 -6.30 33.65
CA PRO B 498 -4.94 -5.32 33.89
C PRO B 498 -5.33 -3.91 33.47
N GLN B 499 -4.71 -2.92 34.11
CA GLN B 499 -4.86 -1.53 33.71
C GLN B 499 -3.65 -1.20 32.85
N PRO B 500 -3.86 -0.97 31.55
CA PRO B 500 -2.73 -0.66 30.69
C PRO B 500 -2.05 0.62 31.12
N GLU B 501 -0.75 0.74 30.89
CA GLU B 501 -0.02 1.93 31.28
C GLU B 501 -0.65 3.16 30.64
N ARG B 502 -0.96 3.04 29.34
CA ARG B 502 -1.74 4.04 28.62
C ARG B 502 -2.90 3.29 28.00
N GLY B 503 -4.12 3.63 28.39
CA GLY B 503 -5.27 2.90 27.92
C GLY B 503 -6.40 2.99 28.93
N ALA B 504 -7.27 1.99 28.91
CA ALA B 504 -8.44 2.01 29.76
C ALA B 504 -8.86 0.59 30.07
N ALA B 505 -9.82 0.45 30.95
CA ALA B 505 -10.45 -0.84 31.18
C ALA B 505 -11.92 -0.63 31.49
N VAL B 506 -12.80 -1.45 30.90
CA VAL B 506 -14.24 -1.32 31.08
C VAL B 506 -14.75 -2.51 31.86
N PHE B 507 -15.78 -2.31 32.66
CA PHE B 507 -16.27 -3.32 33.58
C PHE B 507 -17.77 -3.45 33.61
N SER B 508 -18.25 -4.61 34.03
CA SER B 508 -19.69 -4.88 34.02
C SER B 508 -20.41 -4.41 35.27
N LYS B 509 -19.65 -4.10 36.31
CA LYS B 509 -20.22 -3.54 37.53
C LYS B 509 -19.82 -2.07 37.65
N ALA B 510 -20.57 -1.31 38.44
CA ALA B 510 -20.38 0.14 38.50
C ALA B 510 -19.15 0.57 39.27
N ASP B 511 -18.52 -0.36 39.98
CA ASP B 511 -17.38 0.00 40.80
C ASP B 511 -16.06 -0.58 40.26
N ALA B 512 -15.93 -0.64 38.94
CA ALA B 512 -14.71 -1.13 38.28
C ALA B 512 -14.32 -2.53 38.76
N THR B 513 -15.33 -3.38 38.94
CA THR B 513 -15.16 -4.82 39.16
C THR B 513 -16.11 -5.60 38.26
N GLY B 514 -16.08 -6.93 38.37
CA GLY B 514 -16.88 -7.80 37.54
C GLY B 514 -16.10 -8.23 36.32
N LYS B 515 -16.79 -8.67 35.26
CA LYS B 515 -16.07 -8.99 34.05
C LYS B 515 -15.58 -7.69 33.44
N GLY B 516 -14.38 -7.74 32.88
CA GLY B 516 -13.77 -6.54 32.35
C GLY B 516 -13.00 -6.81 31.09
N VAL B 517 -12.71 -5.74 30.38
CA VAL B 517 -11.89 -5.78 29.18
C VAL B 517 -10.89 -4.64 29.24
N ALA B 518 -9.60 -4.96 29.11
CA ALA B 518 -8.55 -3.95 29.02
C ALA B 518 -8.47 -3.43 27.60
N LEU B 519 -8.22 -2.13 27.43
CA LEU B 519 -8.17 -1.50 26.13
C LEU B 519 -6.89 -0.72 25.97
N ALA B 520 -6.22 -0.94 24.86
CA ALA B 520 -5.06 -0.14 24.50
C ALA B 520 -5.51 1.22 23.96
N LEU B 521 -4.57 2.07 23.56
CA LEU B 521 -4.94 3.22 22.73
C LEU B 521 -5.52 2.69 21.41
N GLY B 522 -6.59 3.31 20.95
CA GLY B 522 -7.24 2.82 19.74
C GLY B 522 -8.73 3.05 19.68
N THR B 523 -9.39 2.38 18.75
CA THR B 523 -10.83 2.55 18.52
C THR B 523 -11.50 1.18 18.65
N PHE B 524 -12.57 1.12 19.44
CA PHE B 524 -13.18 -0.15 19.82
C PHE B 524 -14.67 -0.05 19.61
N ASP B 525 -15.17 -0.73 18.58
CA ASP B 525 -16.59 -0.63 18.28
C ASP B 525 -17.40 -1.71 18.99
N THR B 526 -18.70 -1.76 18.71
CA THR B 526 -19.57 -2.70 19.40
C THR B 526 -19.11 -4.14 19.16
N VAL B 527 -18.69 -4.44 17.93
CA VAL B 527 -18.21 -5.79 17.63
C VAL B 527 -16.97 -6.16 18.43
N PHE B 528 -16.01 -5.24 18.52
CA PHE B 528 -14.80 -5.48 19.30
C PHE B 528 -15.17 -5.80 20.75
N LEU B 529 -15.96 -4.93 21.37
CA LEU B 529 -16.22 -5.03 22.80
C LEU B 529 -17.01 -6.31 23.07
N THR B 530 -17.97 -6.62 22.20
CA THR B 530 -18.76 -7.84 22.36
C THR B 530 -17.88 -9.09 22.26
N GLU B 531 -17.01 -9.17 21.25
CA GLU B 531 -16.16 -10.34 21.09
C GLU B 531 -15.14 -10.45 22.21
N ALA B 532 -14.72 -9.30 22.74
CA ALA B 532 -13.80 -9.27 23.88
C ALA B 532 -14.43 -9.75 25.18
N GLY B 533 -15.75 -9.87 25.21
CA GLY B 533 -16.46 -10.47 26.33
C GLY B 533 -17.40 -9.53 27.07
N LEU B 534 -17.57 -8.30 26.59
CA LEU B 534 -18.47 -7.37 27.29
C LEU B 534 -19.24 -6.50 26.31
N LYS B 535 -20.48 -6.87 26.05
CA LYS B 535 -21.38 -6.06 25.21
C LYS B 535 -21.39 -4.63 25.74
N PRO B 536 -21.33 -3.63 24.84
CA PRO B 536 -21.25 -2.25 25.31
C PRO B 536 -22.42 -1.85 26.21
N GLU B 537 -23.61 -2.40 25.97
CA GLU B 537 -24.74 -2.03 26.82
C GLU B 537 -24.59 -2.56 28.24
N GLU B 538 -23.66 -3.48 28.46
CA GLU B 538 -23.41 -4.01 29.80
C GLU B 538 -22.24 -3.32 30.50
N ILE B 539 -21.62 -2.33 29.87
CA ILE B 539 -20.54 -1.61 30.53
C ILE B 539 -21.12 -0.66 31.57
N ARG B 540 -20.71 -0.83 32.83
CA ARG B 540 -21.22 0.02 33.90
C ARG B 540 -20.17 0.98 34.47
N SER B 541 -18.88 0.75 34.16
CA SER B 541 -17.84 1.65 34.60
C SER B 541 -16.61 1.50 33.70
N ILE B 542 -15.75 2.51 33.75
CA ILE B 542 -14.51 2.51 33.00
C ILE B 542 -13.41 3.15 33.85
N ARG B 543 -12.22 2.57 33.87
CA ARG B 543 -11.08 3.22 34.48
C ARG B 543 -10.15 3.67 33.35
N VAL B 544 -9.87 4.96 33.31
CA VAL B 544 -9.02 5.53 32.29
C VAL B 544 -7.67 5.78 32.92
N SER B 545 -6.60 5.31 32.30
CA SER B 545 -5.26 5.47 32.88
C SER B 545 -4.76 6.91 32.83
N ASP B 546 -3.78 7.23 33.69
CA ASP B 546 -3.08 8.51 33.62
C ASP B 546 -2.60 8.75 32.20
N GLY B 547 -2.60 10.01 31.80
CA GLY B 547 -2.07 10.40 30.50
C GLY B 547 -2.93 9.92 29.36
N THR B 548 -4.15 9.47 29.68
CA THR B 548 -5.07 8.91 28.71
C THR B 548 -6.42 9.60 28.84
N LYS B 549 -7.16 9.67 27.74
CA LYS B 549 -8.58 10.01 27.77
C LYS B 549 -9.36 8.96 27.00
N ALA B 550 -10.62 8.78 27.35
CA ALA B 550 -11.51 7.85 26.64
C ALA B 550 -12.75 8.60 26.23
N THR B 551 -13.12 8.48 24.97
CA THR B 551 -14.33 9.10 24.48
C THR B 551 -15.38 8.03 24.20
N LEU B 552 -16.50 8.07 24.92
CA LEU B 552 -17.62 7.16 24.70
C LEU B 552 -18.45 7.70 23.55
N PHE B 553 -18.89 6.83 22.66
CA PHE B 553 -19.88 7.19 21.65
C PHE B 553 -21.10 6.32 21.84
N SER B 554 -22.29 6.88 21.72
CA SER B 554 -23.49 6.05 21.92
C SER B 554 -23.73 5.05 20.78
N GLY B 555 -23.21 5.39 19.61
CA GLY B 555 -23.40 4.56 18.43
C GLY B 555 -22.51 3.32 18.35
N PHE B 556 -22.86 2.45 17.43
CA PHE B 556 -22.23 1.16 17.18
C PHE B 556 -20.75 1.33 16.79
N ARG B 557 -20.46 2.39 16.05
CA ARG B 557 -19.16 2.57 15.45
C ARG B 557 -18.84 4.07 15.32
N PHE B 558 -18.68 4.72 16.49
CA PHE B 558 -18.15 6.08 16.62
C PHE B 558 -19.06 7.16 16.02
N THR B 559 -20.36 6.89 16.16
CA THR B 559 -21.41 7.84 15.82
C THR B 559 -22.21 8.14 17.07
N GLY B 560 -23.09 9.15 17.01
CA GLY B 560 -23.96 9.44 18.13
C GLY B 560 -23.38 10.47 19.05
N GLU B 561 -23.95 10.58 20.25
CA GLU B 561 -23.46 11.54 21.24
C GLU B 561 -22.22 10.99 21.94
N SER B 562 -21.27 11.87 22.22
CA SER B 562 -20.00 11.47 22.79
C SER B 562 -19.82 12.07 24.19
N LYS B 563 -18.98 11.42 24.98
CA LYS B 563 -18.63 11.90 26.30
C LYS B 563 -17.16 11.65 26.50
N GLU B 564 -16.42 12.70 26.80
CA GLU B 564 -14.98 12.57 26.98
C GLU B 564 -14.70 12.37 28.45
N LEU B 565 -13.88 11.37 28.76
CA LEU B 565 -13.56 11.04 30.15
C LEU B 565 -12.07 11.11 30.38
N SER B 566 -11.64 11.84 31.39
CA SER B 566 -10.22 11.93 31.64
C SER B 566 -9.75 10.85 32.61
N ALA B 567 -8.47 10.86 32.95
CA ALA B 567 -7.92 9.85 33.84
C ALA B 567 -8.73 9.70 35.13
N GLY B 568 -9.02 8.46 35.51
CA GLY B 568 -9.79 8.16 36.71
C GLY B 568 -10.82 7.07 36.49
N GLU B 569 -11.57 6.77 37.53
N GLU B 569 -11.62 6.80 37.51
CA GLU B 569 -12.65 5.80 37.45
CA GLU B 569 -12.66 5.76 37.45
C GLU B 569 -13.95 6.57 37.19
C GLU B 569 -14.06 6.39 37.37
N HIS B 570 -14.80 6.01 36.33
CA HIS B 570 -16.08 6.64 36.01
C HIS B 570 -17.19 5.63 35.94
N GLU B 571 -18.35 5.98 36.47
CA GLU B 571 -19.52 5.21 36.19
C GLU B 571 -20.04 5.57 34.80
N VAL B 572 -20.59 4.58 34.10
CA VAL B 572 -21.05 4.75 32.74
C VAL B 572 -22.57 4.69 32.66
N GLU B 573 -23.18 5.74 32.11
CA GLU B 573 -24.64 5.82 32.07
C GLU B 573 -25.24 4.91 31.02
N ASP B 574 -26.39 4.35 31.36
CA ASP B 574 -27.10 3.45 30.45
C ASP B 574 -27.37 4.16 29.12
N GLY B 575 -26.97 3.49 28.03
CA GLY B 575 -27.23 3.99 26.70
C GLY B 575 -26.16 4.92 26.16
N SER B 576 -25.16 5.23 26.97
CA SER B 576 -24.16 6.23 26.57
C SER B 576 -23.01 5.64 25.78
N VAL B 577 -22.93 4.32 25.68
CA VAL B 577 -21.81 3.72 24.95
C VAL B 577 -22.13 2.49 24.08
N GLY B 578 -21.81 2.65 22.79
CA GLY B 578 -21.74 1.53 21.87
C GLY B 578 -20.32 1.37 21.34
N SER B 579 -19.47 2.35 21.55
CA SER B 579 -18.12 2.28 21.02
C SER B 579 -17.26 3.28 21.77
N ILE B 580 -15.93 3.08 21.75
CA ILE B 580 -15.01 3.85 22.57
C ILE B 580 -13.72 4.18 21.82
N VAL B 581 -13.26 5.42 21.95
CA VAL B 581 -11.97 5.80 21.41
C VAL B 581 -11.06 6.13 22.58
N VAL B 582 -9.90 5.51 22.65
CA VAL B 582 -8.99 5.68 23.76
C VAL B 582 -7.76 6.37 23.21
N SER B 583 -7.43 7.53 23.77
N SER B 583 -7.42 7.54 23.75
CA SER B 583 -6.43 8.42 23.20
CA SER B 583 -6.38 8.35 23.14
C SER B 583 -5.39 8.85 24.20
C SER B 583 -5.42 8.93 24.15
N LYS B 584 -4.16 9.08 23.72
CA LYS B 584 -3.11 9.62 24.55
C LYS B 584 -3.31 11.11 24.68
N ILE B 585 -3.10 11.59 25.91
CA ILE B 585 -3.01 13.00 26.21
C ILE B 585 -1.71 13.57 25.62
#